data_1GD9
#
_entry.id   1GD9
#
_cell.length_a   59.67
_cell.length_b   122.28
_cell.length_c   127.17
_cell.angle_alpha   90
_cell.angle_beta   90
_cell.angle_gamma   90
#
_symmetry.space_group_name_H-M   'P 21 21 21'
#
loop_
_entity.id
_entity.type
_entity.pdbx_description
1 polymer 'ASPARTATE AMINOTRANSFERASE'
2 non-polymer "PYRIDOXAL-5'-PHOSPHATE"
3 water water
#
_entity_poly.entity_id   1
_entity_poly.type   'polypeptide(L)'
_entity_poly.pdbx_seq_one_letter_code
;MALSDRLELVSASEIRKLFDIAAGMKDVISLGIGEPDFDTPQHIKEYAKEALDKGLTHYGPNIGLLELREAIAEKLKKQN
GIEADPKTEIMVLLGANQAFLMGLSAFLKDGEEVLIPTPAFVSYAPAVILAGGKPVEVPTYEEDEFRLNVDELKKYVTDK
TRALIINSPCNPTGAVLTKKDLEEIADFVVEHDLIVISDEVYEHFIYDDARHYSIASLDGMFERTITVNGFSKTFAMTGW
RLGFVAAPSWIIERMVKFQMYNATCPVTFIQYAAAKALKDERSWKAVEEMRKEYDRRRKLVWKRLNEMGLPTVKPKGAFY
IFPRIRDTGLTSKKFSELMLKEARVAVVPGSAFGKAGEGYVRISYATAYEKLEEAMDRMERVLKERKLV
;
_entity_poly.pdbx_strand_id   A,B
#
loop_
_chem_comp.id
_chem_comp.type
_chem_comp.name
_chem_comp.formula
PLP non-polymer PYRIDOXAL-5'-PHOSPHATE 'C8 H10 N O6 P'
#
# COMPACT_ATOMS: atom_id res chain seq x y z
N ALA A 2 4.06 11.75 16.65
CA ALA A 2 3.80 11.72 15.19
C ALA A 2 4.36 10.41 14.66
N LEU A 3 3.94 10.01 13.47
CA LEU A 3 4.43 8.75 12.89
C LEU A 3 5.94 8.71 12.77
N SER A 4 6.57 9.87 12.53
CA SER A 4 8.02 9.94 12.42
C SER A 4 8.65 9.46 13.72
N ASP A 5 8.12 9.91 14.86
CA ASP A 5 8.62 9.50 16.18
C ASP A 5 8.44 8.01 16.41
N ARG A 6 7.30 7.50 15.96
CA ARG A 6 6.98 6.08 16.11
C ARG A 6 7.93 5.26 15.26
N LEU A 7 8.24 5.78 14.07
CA LEU A 7 9.14 5.12 13.15
C LEU A 7 10.54 5.03 13.76
N GLU A 8 11.00 6.10 14.42
CA GLU A 8 12.34 6.10 15.03
C GLU A 8 12.42 5.06 16.14
N LEU A 9 11.27 4.73 16.73
CA LEU A 9 11.19 3.74 17.80
C LEU A 9 11.32 2.30 17.29
N VAL A 10 10.88 2.08 16.04
CA VAL A 10 10.98 0.76 15.42
C VAL A 10 12.44 0.53 15.07
N SER A 11 13.02 -0.55 15.57
CA SER A 11 14.43 -0.81 15.29
C SER A 11 14.67 -1.44 13.91
N ALA A 12 15.90 -1.27 13.41
CA ALA A 12 16.30 -1.80 12.11
C ALA A 12 16.17 -3.32 12.10
N SER A 13 15.78 -3.86 10.95
CA SER A 13 15.60 -5.31 10.83
C SER A 13 16.88 -6.11 10.72
N GLU A 14 16.89 -7.22 11.47
CA GLU A 14 18.01 -8.16 11.52
C GLU A 14 18.04 -8.98 10.24
N ILE A 15 16.86 -9.28 9.72
CA ILE A 15 16.75 -10.03 8.48
C ILE A 15 17.35 -9.15 7.38
N ARG A 16 17.14 -7.84 7.50
CA ARG A 16 17.66 -6.87 6.55
C ARG A 16 19.18 -6.94 6.60
N LYS A 17 19.72 -6.87 7.82
CA LYS A 17 21.16 -6.92 8.02
C LYS A 17 21.74 -8.22 7.49
N LEU A 18 20.97 -9.29 7.54
CA LEU A 18 21.45 -10.59 7.05
C LEU A 18 21.53 -10.60 5.54
N PHE A 19 20.60 -9.94 4.86
CA PHE A 19 20.59 -9.93 3.42
C PHE A 19 21.82 -9.26 2.84
N ASP A 20 22.08 -8.04 3.30
CA ASP A 20 23.22 -7.25 2.85
C ASP A 20 24.56 -7.92 3.14
N ILE A 21 24.54 -8.91 4.04
CA ILE A 21 25.77 -9.61 4.42
C ILE A 21 25.91 -10.92 3.64
N ALA A 22 24.82 -11.30 2.96
CA ALA A 22 24.81 -12.51 2.14
C ALA A 22 25.11 -12.04 0.73
N ALA A 23 24.99 -10.74 0.52
CA ALA A 23 25.23 -10.07 -0.76
C ALA A 23 26.66 -10.15 -1.31
N GLY A 24 27.64 -9.88 -0.45
CA GLY A 24 29.04 -9.91 -0.89
C GLY A 24 29.66 -11.29 -0.94
N MET A 25 28.79 -12.29 -0.83
CA MET A 25 29.17 -13.70 -0.80
C MET A 25 28.45 -14.45 -1.92
N LYS A 26 29.13 -15.41 -2.53
CA LYS A 26 28.53 -16.23 -3.59
C LYS A 26 29.09 -17.65 -3.55
N ASP A 27 28.22 -18.52 -3.06
CA ASP A 27 28.36 -19.94 -2.84
C ASP A 27 27.36 -20.18 -1.73
N VAL A 28 26.70 -19.12 -1.29
CA VAL A 28 25.73 -19.21 -0.20
C VAL A 28 24.37 -19.79 -0.56
N ILE A 29 23.90 -20.71 0.28
CA ILE A 29 22.60 -21.33 0.09
C ILE A 29 21.74 -20.67 1.16
N SER A 30 20.71 -19.94 0.72
CA SER A 30 19.84 -19.23 1.64
C SER A 30 18.67 -20.04 2.19
N LEU A 31 18.58 -20.04 3.51
CA LEU A 31 17.52 -20.70 4.24
C LEU A 31 16.75 -19.60 4.99
N GLY A 32 16.96 -18.35 4.58
CA GLY A 32 16.28 -17.23 5.22
C GLY A 32 15.15 -16.63 4.41
N ILE A 33 14.78 -17.31 3.33
CA ILE A 33 13.72 -16.87 2.41
C ILE A 33 12.31 -17.02 2.97
N GLY A 34 11.61 -15.91 3.16
CA GLY A 34 10.26 -15.96 3.70
C GLY A 34 9.14 -15.88 2.68
N GLU A 35 9.22 -16.71 1.65
CA GLU A 35 8.22 -16.74 0.59
C GLU A 35 8.36 -18.02 -0.23
N PRO A 36 7.29 -18.45 -0.93
CA PRO A 36 7.33 -19.67 -1.75
C PRO A 36 8.40 -19.61 -2.83
N ASP A 37 9.03 -20.74 -3.10
CA ASP A 37 10.04 -20.78 -4.15
C ASP A 37 9.36 -21.07 -5.49
N PHE A 38 8.11 -21.54 -5.40
CA PHE A 38 7.30 -21.90 -6.56
C PHE A 38 6.79 -20.68 -7.29
N ASP A 39 6.54 -20.82 -8.59
CA ASP A 39 5.98 -19.68 -9.30
C ASP A 39 4.47 -19.81 -9.22
N THR A 40 3.78 -18.72 -9.53
CA THR A 40 2.33 -18.70 -9.52
C THR A 40 1.78 -19.72 -10.54
N PRO A 41 0.75 -20.49 -10.15
CA PRO A 41 0.15 -21.48 -11.07
C PRO A 41 -0.19 -20.78 -12.39
N GLN A 42 0.15 -21.43 -13.51
CA GLN A 42 -0.08 -20.84 -14.82
C GLN A 42 -1.50 -20.37 -15.08
N HIS A 43 -2.51 -21.12 -14.62
CA HIS A 43 -3.90 -20.69 -14.85
C HIS A 43 -4.23 -19.36 -14.18
N ILE A 44 -3.54 -19.04 -13.08
CA ILE A 44 -3.77 -17.78 -12.39
C ILE A 44 -3.17 -16.66 -13.23
N LYS A 45 -2.00 -16.93 -13.82
CA LYS A 45 -1.33 -15.98 -14.69
C LYS A 45 -2.23 -15.69 -15.90
N GLU A 46 -2.85 -16.74 -16.44
CA GLU A 46 -3.74 -16.62 -17.59
C GLU A 46 -4.98 -15.78 -17.28
N TYR A 47 -5.50 -15.89 -16.06
CA TYR A 47 -6.66 -15.09 -15.66
C TYR A 47 -6.27 -13.62 -15.58
N ALA A 48 -5.03 -13.37 -15.16
CA ALA A 48 -4.53 -11.99 -15.07
C ALA A 48 -4.43 -11.39 -16.47
N LYS A 49 -3.91 -12.17 -17.41
CA LYS A 49 -3.77 -11.75 -18.80
C LYS A 49 -5.14 -11.44 -19.38
N GLU A 50 -6.10 -12.32 -19.10
CA GLU A 50 -7.46 -12.17 -19.55
C GLU A 50 -8.08 -10.87 -19.01
N ALA A 51 -7.76 -10.55 -17.75
CA ALA A 51 -8.27 -9.33 -17.12
C ALA A 51 -7.69 -8.11 -17.83
N LEU A 52 -6.42 -8.20 -18.23
CA LEU A 52 -5.76 -7.11 -18.94
C LEU A 52 -6.48 -6.90 -20.26
N ASP A 53 -6.79 -8.01 -20.93
CA ASP A 53 -7.49 -8.00 -22.22
C ASP A 53 -8.89 -7.41 -22.08
N LYS A 54 -9.49 -7.57 -20.89
CA LYS A 54 -10.82 -7.04 -20.60
C LYS A 54 -10.75 -5.57 -20.20
N GLY A 55 -9.53 -5.04 -20.10
CA GLY A 55 -9.36 -3.65 -19.73
C GLY A 55 -9.61 -3.29 -18.28
N LEU A 56 -9.34 -4.23 -17.37
CA LEU A 56 -9.53 -3.99 -15.93
C LEU A 56 -8.25 -3.33 -15.43
N THR A 57 -8.08 -2.07 -15.83
CA THR A 57 -6.89 -1.28 -15.54
C THR A 57 -7.18 0.07 -14.88
N HIS A 58 -8.44 0.27 -14.49
CA HIS A 58 -8.86 1.51 -13.87
C HIS A 58 -9.00 1.33 -12.36
N TYR A 59 -9.23 2.41 -11.62
CA TYR A 59 -9.38 2.31 -10.16
C TYR A 59 -10.58 1.41 -9.83
N GLY A 60 -10.45 0.72 -8.70
CA GLY A 60 -11.51 -0.13 -8.21
C GLY A 60 -11.87 0.44 -6.85
N PRO A 61 -12.90 -0.08 -6.16
CA PRO A 61 -13.27 0.44 -4.84
C PRO A 61 -12.11 0.36 -3.84
N ASN A 62 -12.10 1.23 -2.84
CA ASN A 62 -11.05 1.21 -1.81
C ASN A 62 -11.11 -0.11 -1.05
N ILE A 63 -12.31 -0.66 -0.94
CA ILE A 63 -12.55 -1.91 -0.25
C ILE A 63 -12.19 -3.14 -1.09
N GLY A 64 -11.97 -2.93 -2.39
CA GLY A 64 -11.63 -4.00 -3.32
C GLY A 64 -12.77 -4.33 -4.26
N LEU A 65 -12.50 -5.15 -5.28
CA LEU A 65 -13.52 -5.57 -6.24
C LEU A 65 -14.59 -6.41 -5.57
N LEU A 66 -15.86 -6.09 -5.82
CA LEU A 66 -16.97 -6.83 -5.24
C LEU A 66 -16.87 -8.31 -5.58
N GLU A 67 -16.56 -8.61 -6.85
CA GLU A 67 -16.45 -9.99 -7.31
C GLU A 67 -15.43 -10.79 -6.49
N LEU A 68 -14.30 -10.17 -6.14
CA LEU A 68 -13.29 -10.83 -5.34
C LEU A 68 -13.78 -10.98 -3.90
N ARG A 69 -14.37 -9.91 -3.35
CA ARG A 69 -14.88 -9.96 -1.99
C ARG A 69 -15.94 -11.05 -1.84
N GLU A 70 -16.74 -11.24 -2.88
CA GLU A 70 -17.77 -12.27 -2.88
C GLU A 70 -17.12 -13.64 -2.94
N ALA A 71 -16.04 -13.74 -3.71
CA ALA A 71 -15.30 -15.00 -3.85
C ALA A 71 -14.61 -15.33 -2.51
N ILE A 72 -14.18 -14.28 -1.82
CA ILE A 72 -13.53 -14.44 -0.52
C ILE A 72 -14.57 -14.90 0.50
N ALA A 73 -15.77 -14.33 0.45
CA ALA A 73 -16.85 -14.69 1.37
C ALA A 73 -17.16 -16.19 1.25
N GLU A 74 -17.21 -16.71 0.03
CA GLU A 74 -17.48 -18.14 -0.19
C GLU A 74 -16.33 -18.99 0.37
N LYS A 75 -15.10 -18.52 0.20
CA LYS A 75 -13.93 -19.24 0.69
C LYS A 75 -13.88 -19.24 2.24
N LEU A 76 -14.16 -18.09 2.83
CA LEU A 76 -14.14 -17.93 4.29
C LEU A 76 -15.16 -18.82 4.95
N LYS A 77 -16.35 -18.88 4.35
CA LYS A 77 -17.44 -19.69 4.88
C LYS A 77 -17.15 -21.18 4.77
N LYS A 78 -16.85 -21.64 3.56
CA LYS A 78 -16.59 -23.06 3.34
C LYS A 78 -15.32 -23.61 3.97
N GLN A 79 -14.20 -22.92 3.79
CA GLN A 79 -12.92 -23.38 4.34
C GLN A 79 -12.66 -23.01 5.80
N ASN A 80 -13.13 -21.84 6.21
CA ASN A 80 -12.90 -21.35 7.58
C ASN A 80 -14.11 -21.22 8.50
N GLY A 81 -15.30 -21.49 7.98
CA GLY A 81 -16.51 -21.38 8.79
C GLY A 81 -16.80 -19.97 9.24
N ILE A 82 -16.23 -18.99 8.52
CA ILE A 82 -16.43 -17.59 8.82
C ILE A 82 -17.48 -17.01 7.89
N GLU A 83 -18.57 -16.52 8.48
CA GLU A 83 -19.66 -15.90 7.71
C GLU A 83 -19.41 -14.39 7.71
N ALA A 84 -19.08 -13.87 6.54
CA ALA A 84 -18.80 -12.44 6.38
C ALA A 84 -19.51 -11.85 5.17
N ASP A 85 -20.05 -10.65 5.34
CA ASP A 85 -20.75 -9.93 4.27
C ASP A 85 -19.69 -9.29 3.37
N PRO A 86 -19.59 -9.71 2.10
CA PRO A 86 -18.59 -9.15 1.18
C PRO A 86 -18.75 -7.65 0.92
N LYS A 87 -19.96 -7.13 1.08
CA LYS A 87 -20.25 -5.73 0.85
C LYS A 87 -19.70 -4.79 1.92
N THR A 88 -19.65 -5.27 3.17
CA THR A 88 -19.22 -4.42 4.29
C THR A 88 -18.18 -4.98 5.25
N GLU A 89 -17.99 -6.30 5.25
CA GLU A 89 -17.07 -6.93 6.18
C GLU A 89 -15.82 -7.56 5.62
N ILE A 90 -15.59 -7.38 4.33
CA ILE A 90 -14.40 -7.94 3.69
C ILE A 90 -13.71 -6.85 2.92
N MET A 91 -12.39 -6.73 3.14
CA MET A 91 -11.57 -5.72 2.47
C MET A 91 -10.33 -6.35 1.83
N VAL A 92 -10.08 -6.00 0.58
CA VAL A 92 -8.91 -6.51 -0.12
C VAL A 92 -7.78 -5.50 0.09
N LEU A 93 -6.57 -6.00 0.27
CA LEU A 93 -5.41 -5.16 0.53
C LEU A 93 -4.22 -5.45 -0.37
N LEU A 94 -3.24 -4.55 -0.32
CA LEU A 94 -2.01 -4.71 -1.09
C LEU A 94 -1.11 -5.58 -0.22
N GLY A 95 -1.45 -6.87 -0.18
CA GLY A 95 -0.72 -7.82 0.63
C GLY A 95 -1.35 -7.84 2.00
N ALA A 96 -1.28 -8.98 2.67
CA ALA A 96 -1.84 -9.12 4.02
C ALA A 96 -1.07 -8.25 5.02
N ASN A 97 0.18 -7.91 4.69
CA ASN A 97 1.03 -7.11 5.57
C ASN A 97 0.39 -5.78 5.97
N GLN A 98 -0.40 -5.20 5.08
CA GLN A 98 -1.10 -3.94 5.34
C GLN A 98 -2.11 -4.03 6.49
N ALA A 99 -2.66 -5.22 6.71
CA ALA A 99 -3.69 -5.42 7.73
C ALA A 99 -3.31 -5.09 9.17
N PHE A 100 -2.03 -5.24 9.50
CA PHE A 100 -1.59 -4.98 10.87
C PHE A 100 -1.61 -3.51 11.21
N LEU A 101 -0.91 -2.69 10.43
CA LEU A 101 -0.89 -1.25 10.66
C LEU A 101 -2.32 -0.67 10.55
N MET A 102 -3.01 -0.95 9.45
CA MET A 102 -4.34 -0.42 9.24
C MET A 102 -5.45 -0.97 10.13
N GLY A 103 -5.35 -2.26 10.48
CA GLY A 103 -6.35 -2.89 11.33
C GLY A 103 -6.27 -2.37 12.76
N LEU A 104 -5.04 -2.26 13.27
CA LEU A 104 -4.78 -1.75 14.61
C LEU A 104 -5.19 -0.27 14.69
N SER A 105 -4.96 0.46 13.61
CA SER A 105 -5.28 1.88 13.54
C SER A 105 -6.78 2.16 13.53
N ALA A 106 -7.58 1.12 13.46
CA ALA A 106 -9.03 1.28 13.46
C ALA A 106 -9.54 1.46 14.88
N PHE A 107 -8.71 1.12 15.87
CA PHE A 107 -9.14 1.22 17.28
C PHE A 107 -8.09 1.54 18.36
N LEU A 108 -6.85 1.10 18.14
CA LEU A 108 -5.77 1.30 19.12
C LEU A 108 -5.52 2.74 19.57
N LYS A 109 -5.53 2.94 20.88
CA LYS A 109 -5.31 4.28 21.44
C LYS A 109 -3.93 4.40 22.06
N ASP A 110 -3.57 5.63 22.43
CA ASP A 110 -2.28 5.94 23.02
C ASP A 110 -1.91 5.04 24.19
N GLY A 111 -0.72 4.44 24.09
CA GLY A 111 -0.20 3.58 25.14
C GLY A 111 -0.85 2.23 25.34
N GLU A 112 -1.95 1.96 24.64
CA GLU A 112 -2.61 0.68 24.78
C GLU A 112 -1.70 -0.45 24.37
N GLU A 113 -1.76 -1.53 25.14
CA GLU A 113 -0.91 -2.68 24.90
C GLU A 113 -1.49 -3.72 23.99
N VAL A 114 -0.61 -4.35 23.21
CA VAL A 114 -0.99 -5.39 22.28
C VAL A 114 -0.11 -6.60 22.55
N LEU A 115 -0.74 -7.68 22.96
CA LEU A 115 -0.05 -8.93 23.27
C LEU A 115 0.39 -9.59 21.98
N ILE A 116 1.66 -9.92 21.92
CA ILE A 116 2.24 -10.54 20.75
C ILE A 116 3.04 -11.79 21.12
N PRO A 117 2.46 -12.97 20.90
CA PRO A 117 3.11 -14.24 21.20
C PRO A 117 4.38 -14.28 20.35
N THR A 118 5.48 -14.68 20.94
CA THR A 118 6.74 -14.77 20.24
C THR A 118 7.31 -16.17 20.40
N PRO A 119 8.18 -16.62 19.47
CA PRO A 119 8.68 -15.94 18.25
C PRO A 119 7.51 -15.52 17.36
N ALA A 120 7.59 -14.32 16.81
CA ALA A 120 6.52 -13.79 15.98
C ALA A 120 6.97 -13.22 14.64
N PHE A 121 6.01 -13.00 13.76
CA PHE A 121 6.28 -12.42 12.44
C PHE A 121 6.84 -11.05 12.72
N VAL A 122 7.80 -10.64 11.89
CA VAL A 122 8.49 -9.36 12.05
C VAL A 122 7.66 -8.07 12.00
N SER A 123 6.52 -8.09 11.34
CA SER A 123 5.69 -6.90 11.21
C SER A 123 4.81 -6.52 12.39
N TYR A 124 4.55 -7.48 13.28
CA TYR A 124 3.67 -7.24 14.42
C TYR A 124 4.01 -6.08 15.36
N ALA A 125 5.14 -6.19 16.04
CA ALA A 125 5.57 -5.16 17.00
C ALA A 125 5.66 -3.77 16.35
N PRO A 126 6.31 -3.67 15.18
CA PRO A 126 6.42 -2.38 14.49
C PRO A 126 5.05 -1.78 14.16
N ALA A 127 4.11 -2.63 13.71
CA ALA A 127 2.76 -2.14 13.38
C ALA A 127 2.06 -1.59 14.62
N VAL A 128 2.28 -2.25 15.77
CA VAL A 128 1.70 -1.81 17.03
C VAL A 128 2.28 -0.44 17.42
N ILE A 129 3.59 -0.31 17.29
CA ILE A 129 4.29 0.93 17.60
C ILE A 129 3.83 2.05 16.66
N LEU A 130 3.71 1.75 15.37
CA LEU A 130 3.26 2.74 14.39
C LEU A 130 1.81 3.21 14.63
N ALA A 131 0.94 2.28 15.05
CA ALA A 131 -0.46 2.58 15.33
C ALA A 131 -0.62 3.44 16.58
N GLY A 132 0.44 3.54 17.36
CA GLY A 132 0.41 4.34 18.58
C GLY A 132 0.35 3.53 19.87
N GLY A 133 0.44 2.21 19.76
CA GLY A 133 0.40 1.35 20.93
C GLY A 133 1.72 0.87 21.47
N LYS A 134 1.64 -0.14 22.32
CA LYS A 134 2.81 -0.70 22.99
C LYS A 134 2.82 -2.22 22.84
N PRO A 135 3.80 -2.75 22.09
CA PRO A 135 3.90 -4.19 21.89
C PRO A 135 4.37 -4.91 23.15
N VAL A 136 3.67 -5.98 23.50
CA VAL A 136 4.01 -6.76 24.67
C VAL A 136 4.20 -8.20 24.22
N GLU A 137 5.47 -8.62 24.16
CA GLU A 137 5.82 -9.97 23.73
C GLU A 137 5.50 -11.02 24.80
N VAL A 138 4.75 -12.03 24.40
CA VAL A 138 4.35 -13.13 25.27
C VAL A 138 5.08 -14.35 24.74
N PRO A 139 6.03 -14.90 25.51
CA PRO A 139 6.77 -16.09 25.08
C PRO A 139 5.97 -17.37 24.86
N THR A 140 6.37 -18.13 23.85
CA THR A 140 5.77 -19.44 23.57
C THR A 140 6.98 -20.37 23.74
N TYR A 141 6.72 -21.57 24.22
CA TYR A 141 7.79 -22.50 24.54
C TYR A 141 7.96 -23.71 23.67
N GLU A 142 9.22 -24.09 23.49
CA GLU A 142 9.63 -25.24 22.70
C GLU A 142 8.92 -26.49 23.23
N GLU A 143 8.74 -26.54 24.56
CA GLU A 143 8.07 -27.67 25.21
C GLU A 143 6.61 -27.80 24.78
N ASP A 144 5.99 -26.66 24.46
CA ASP A 144 4.60 -26.64 24.01
C ASP A 144 4.57 -26.68 22.48
N GLU A 145 5.71 -26.98 21.87
CA GLU A 145 5.87 -27.02 20.42
C GLU A 145 5.52 -25.64 19.87
N PHE A 146 5.88 -24.64 20.68
CA PHE A 146 5.65 -23.21 20.41
C PHE A 146 4.21 -22.77 20.28
N ARG A 147 3.29 -23.59 20.80
CA ARG A 147 1.88 -23.27 20.78
C ARG A 147 1.60 -22.32 21.93
N LEU A 148 0.95 -21.19 21.62
CA LEU A 148 0.61 -20.19 22.63
C LEU A 148 -0.16 -20.83 23.79
N ASN A 149 0.29 -20.53 24.99
CA ASN A 149 -0.29 -21.05 26.22
C ASN A 149 -1.00 -19.87 26.89
N VAL A 150 -2.30 -20.02 27.15
CA VAL A 150 -3.07 -18.94 27.76
C VAL A 150 -2.54 -18.54 29.15
N ASP A 151 -1.95 -19.48 29.88
CA ASP A 151 -1.39 -19.17 31.18
C ASP A 151 -0.27 -18.14 31.03
N GLU A 152 0.40 -18.17 29.88
CA GLU A 152 1.47 -17.21 29.63
C GLU A 152 0.86 -15.84 29.37
N LEU A 153 -0.22 -15.84 28.59
CA LEU A 153 -0.96 -14.61 28.25
C LEU A 153 -1.40 -13.88 29.51
N LYS A 154 -1.86 -14.65 30.49
CA LYS A 154 -2.34 -14.11 31.76
C LYS A 154 -1.27 -13.37 32.57
N LYS A 155 0.00 -13.73 32.35
CA LYS A 155 1.08 -13.07 33.07
C LYS A 155 1.26 -11.64 32.56
N TYR A 156 0.94 -11.44 31.28
CA TYR A 156 1.11 -10.17 30.61
C TYR A 156 -0.05 -9.19 30.49
N VAL A 157 -1.26 -9.62 30.84
CA VAL A 157 -2.40 -8.71 30.76
C VAL A 157 -2.33 -7.60 31.80
N THR A 158 -2.82 -6.43 31.40
CA THR A 158 -2.87 -5.27 32.27
C THR A 158 -4.14 -4.53 31.87
N ASP A 159 -4.42 -3.48 32.62
CA ASP A 159 -5.59 -2.64 32.36
C ASP A 159 -5.46 -1.93 30.99
N LYS A 160 -4.24 -1.85 30.47
CA LYS A 160 -4.01 -1.21 29.18
C LYS A 160 -4.10 -2.15 27.98
N THR A 161 -4.12 -3.45 28.22
CA THR A 161 -4.21 -4.43 27.13
C THR A 161 -5.50 -4.24 26.34
N ARG A 162 -5.34 -4.05 25.04
CA ARG A 162 -6.47 -3.82 24.15
C ARG A 162 -6.59 -4.84 23.01
N ALA A 163 -5.47 -5.45 22.62
CA ALA A 163 -5.48 -6.40 21.53
C ALA A 163 -4.50 -7.55 21.68
N LEU A 164 -4.65 -8.54 20.82
CA LEU A 164 -3.82 -9.74 20.80
C LEU A 164 -3.66 -10.13 19.33
N ILE A 165 -2.44 -10.44 18.90
CA ILE A 165 -2.19 -10.85 17.52
C ILE A 165 -1.70 -12.29 17.56
N ILE A 166 -2.43 -13.20 16.94
CA ILE A 166 -2.00 -14.60 16.88
C ILE A 166 -1.72 -14.96 15.43
N ASN A 167 -0.84 -15.93 15.22
CA ASN A 167 -0.47 -16.32 13.87
C ASN A 167 -0.33 -17.83 13.84
N SER A 168 -1.27 -18.48 13.18
CA SER A 168 -1.26 -19.94 13.06
C SER A 168 -1.78 -20.35 11.68
N PRO A 169 -0.98 -21.13 10.93
CA PRO A 169 0.36 -21.64 11.27
C PRO A 169 1.34 -20.49 11.45
N CYS A 170 2.23 -20.65 12.42
CA CYS A 170 3.18 -19.61 12.75
C CYS A 170 4.50 -19.47 12.01
N ASN A 171 4.83 -18.21 11.70
CA ASN A 171 6.10 -17.83 11.10
C ASN A 171 6.70 -17.19 12.36
N PRO A 172 7.90 -17.62 12.81
CA PRO A 172 8.87 -18.61 12.34
C PRO A 172 8.90 -20.03 12.91
N THR A 173 8.01 -20.36 13.84
CA THR A 173 8.07 -21.67 14.47
C THR A 173 7.44 -22.87 13.77
N GLY A 174 6.41 -22.60 12.96
CA GLY A 174 5.73 -23.68 12.27
C GLY A 174 4.65 -24.28 13.16
N ALA A 175 4.43 -23.67 14.32
CA ALA A 175 3.42 -24.11 15.28
C ALA A 175 1.98 -23.87 14.79
N VAL A 176 1.11 -24.83 15.06
CA VAL A 176 -0.28 -24.72 14.67
C VAL A 176 -1.12 -24.83 15.93
N LEU A 177 -1.91 -23.81 16.19
CA LEU A 177 -2.79 -23.78 17.35
C LEU A 177 -3.93 -24.79 17.14
N THR A 178 -4.20 -25.60 18.16
CA THR A 178 -5.27 -26.58 18.05
C THR A 178 -6.61 -25.90 18.31
N LYS A 179 -7.70 -26.59 18.00
CA LYS A 179 -9.05 -26.06 18.22
C LYS A 179 -9.22 -25.65 19.68
N LYS A 180 -8.75 -26.48 20.60
CA LYS A 180 -8.87 -26.15 22.01
C LYS A 180 -7.97 -24.98 22.43
N ASP A 181 -6.80 -24.84 21.81
CA ASP A 181 -5.92 -23.72 22.10
C ASP A 181 -6.71 -22.46 21.79
N LEU A 182 -7.31 -22.44 20.59
CA LEU A 182 -8.09 -21.29 20.15
C LEU A 182 -9.32 -21.05 20.99
N GLU A 183 -9.93 -22.12 21.50
CA GLU A 183 -11.10 -21.97 22.35
C GLU A 183 -10.73 -21.27 23.66
N GLU A 184 -9.57 -21.63 24.22
CA GLU A 184 -9.10 -21.02 25.46
C GLU A 184 -8.68 -19.57 25.18
N ILE A 185 -8.02 -19.36 24.05
CA ILE A 185 -7.58 -18.04 23.63
C ILE A 185 -8.80 -17.16 23.41
N ALA A 186 -9.84 -17.72 22.82
CA ALA A 186 -11.09 -16.97 22.57
C ALA A 186 -11.72 -16.51 23.88
N ASP A 187 -11.69 -17.36 24.89
CA ASP A 187 -12.24 -17.01 26.20
C ASP A 187 -11.44 -15.90 26.85
N PHE A 188 -10.12 -15.99 26.73
CA PHE A 188 -9.23 -14.99 27.29
C PHE A 188 -9.47 -13.63 26.60
N VAL A 189 -9.68 -13.66 25.29
CA VAL A 189 -9.93 -12.46 24.53
C VAL A 189 -11.24 -11.80 24.94
N VAL A 190 -12.27 -12.61 25.15
CA VAL A 190 -13.58 -12.09 25.56
C VAL A 190 -13.52 -11.56 27.00
N GLU A 191 -12.80 -12.28 27.86
CA GLU A 191 -12.64 -11.95 29.26
C GLU A 191 -12.06 -10.55 29.49
N HIS A 192 -11.02 -10.23 28.72
CA HIS A 192 -10.36 -8.94 28.83
C HIS A 192 -10.81 -7.97 27.75
N ASP A 193 -11.90 -8.30 27.08
CA ASP A 193 -12.48 -7.51 26.00
C ASP A 193 -11.46 -6.95 25.02
N LEU A 194 -10.71 -7.86 24.44
CA LEU A 194 -9.69 -7.51 23.48
C LEU A 194 -10.19 -7.76 22.06
N ILE A 195 -9.45 -7.19 21.13
CA ILE A 195 -9.70 -7.39 19.72
C ILE A 195 -8.54 -8.36 19.39
N VAL A 196 -8.83 -9.41 18.66
CA VAL A 196 -7.79 -10.37 18.28
C VAL A 196 -7.59 -10.35 16.78
N ILE A 197 -6.33 -10.23 16.36
CA ILE A 197 -5.98 -10.23 14.96
C ILE A 197 -5.37 -11.59 14.67
N SER A 198 -6.01 -12.34 13.77
CA SER A 198 -5.60 -13.69 13.40
C SER A 198 -4.96 -13.72 12.03
N ASP A 199 -3.67 -14.02 11.99
CA ASP A 199 -2.92 -14.08 10.74
C ASP A 199 -2.87 -15.53 10.24
N GLU A 200 -3.71 -15.81 9.23
CA GLU A 200 -3.87 -17.15 8.68
C GLU A 200 -3.34 -17.40 7.27
N VAL A 201 -2.35 -16.61 6.83
CA VAL A 201 -1.80 -16.79 5.47
C VAL A 201 -1.21 -18.17 5.16
N TYR A 202 -0.75 -18.90 6.17
CA TYR A 202 -0.16 -20.22 5.95
C TYR A 202 -1.15 -21.36 6.14
N GLU A 203 -2.43 -21.03 6.22
CA GLU A 203 -3.47 -22.02 6.44
C GLU A 203 -3.43 -23.32 5.67
N HIS A 204 -3.13 -23.25 4.37
CA HIS A 204 -3.10 -24.47 3.55
C HIS A 204 -1.85 -25.34 3.65
N PHE A 205 -0.82 -24.81 4.29
CA PHE A 205 0.41 -25.57 4.44
C PHE A 205 0.48 -26.08 5.89
N ILE A 206 -0.23 -27.18 6.09
CA ILE A 206 -0.33 -27.87 7.37
C ILE A 206 0.03 -29.31 7.14
N TYR A 207 0.59 -29.93 8.17
CA TYR A 207 1.06 -31.30 8.06
C TYR A 207 0.61 -32.16 9.23
N ASP A 208 0.97 -33.43 9.18
CA ASP A 208 0.62 -34.41 10.22
C ASP A 208 -0.87 -34.38 10.55
N ASP A 209 -1.23 -34.17 11.82
CA ASP A 209 -2.62 -34.13 12.24
C ASP A 209 -3.09 -32.71 12.56
N ALA A 210 -2.39 -31.73 11.99
CA ALA A 210 -2.75 -30.33 12.19
C ALA A 210 -3.95 -29.99 11.30
N ARG A 211 -4.77 -29.07 11.77
CA ARG A 211 -5.93 -28.63 11.03
C ARG A 211 -6.07 -27.16 11.34
N HIS A 212 -6.45 -26.39 10.34
CA HIS A 212 -6.59 -24.97 10.49
C HIS A 212 -7.97 -24.49 10.91
N TYR A 213 -8.04 -23.95 12.12
CA TYR A 213 -9.27 -23.38 12.65
C TYR A 213 -9.06 -21.87 12.68
N SER A 214 -10.15 -21.12 12.52
CA SER A 214 -10.10 -19.67 12.53
C SER A 214 -10.85 -19.20 13.77
N ILE A 215 -10.17 -18.43 14.60
CA ILE A 215 -10.76 -17.94 15.84
C ILE A 215 -12.07 -17.15 15.64
N ALA A 216 -12.21 -16.45 14.53
CA ALA A 216 -13.42 -15.67 14.24
C ALA A 216 -14.66 -16.53 14.03
N SER A 217 -14.44 -17.82 13.75
CA SER A 217 -15.54 -18.75 13.52
C SER A 217 -16.15 -19.25 14.83
N LEU A 218 -15.41 -19.10 15.92
CA LEU A 218 -15.84 -19.52 17.24
C LEU A 218 -16.97 -18.64 17.75
N ASP A 219 -17.79 -19.20 18.63
CA ASP A 219 -18.94 -18.49 19.19
C ASP A 219 -18.59 -17.12 19.76
N GLY A 220 -19.28 -16.11 19.26
CA GLY A 220 -19.08 -14.73 19.69
C GLY A 220 -17.75 -14.08 19.36
N MET A 221 -16.97 -14.67 18.45
CA MET A 221 -15.68 -14.08 18.11
C MET A 221 -15.61 -13.14 16.92
N PHE A 222 -16.51 -13.28 15.96
CA PHE A 222 -16.46 -12.42 14.78
C PHE A 222 -16.51 -10.93 15.14
N GLU A 223 -17.28 -10.61 16.18
CA GLU A 223 -17.44 -9.23 16.63
C GLU A 223 -16.16 -8.60 17.19
N ARG A 224 -15.15 -9.41 17.41
CA ARG A 224 -13.91 -8.89 17.97
C ARG A 224 -12.65 -9.43 17.31
N THR A 225 -12.80 -9.95 16.10
CA THR A 225 -11.65 -10.51 15.40
C THR A 225 -11.42 -9.87 14.03
N ILE A 226 -10.16 -9.70 13.68
CA ILE A 226 -9.78 -9.21 12.36
C ILE A 226 -9.03 -10.40 11.80
N THR A 227 -9.65 -11.11 10.86
CA THR A 227 -9.02 -12.26 10.22
C THR A 227 -8.19 -11.75 9.07
N VAL A 228 -6.90 -12.07 9.09
CA VAL A 228 -5.96 -11.64 8.06
C VAL A 228 -5.55 -12.87 7.24
N ASN A 229 -5.58 -12.74 5.92
CA ASN A 229 -5.21 -13.85 5.04
C ASN A 229 -4.80 -13.23 3.72
N GLY A 230 -4.52 -14.06 2.73
CA GLY A 230 -4.12 -13.53 1.45
C GLY A 230 -3.75 -14.63 0.48
N PHE A 231 -3.25 -14.21 -0.68
CA PHE A 231 -2.87 -15.11 -1.76
C PHE A 231 -1.37 -15.31 -1.90
N SER A 232 -0.57 -14.54 -1.16
CA SER A 232 0.88 -14.62 -1.26
C SER A 232 1.50 -16.00 -1.07
N LYS A 233 1.14 -16.67 0.02
CA LYS A 233 1.71 -17.99 0.29
C LYS A 233 0.90 -19.11 -0.37
N THR A 234 -0.43 -19.03 -0.24
CA THR A 234 -1.37 -20.02 -0.78
C THR A 234 -1.20 -20.32 -2.28
N PHE A 235 -1.14 -19.27 -3.09
CA PHE A 235 -1.00 -19.41 -4.54
C PHE A 235 0.36 -18.96 -5.03
N ALA A 236 1.33 -18.80 -4.13
CA ALA A 236 2.68 -18.33 -4.51
C ALA A 236 2.56 -17.02 -5.31
N MET A 237 1.88 -16.05 -4.71
CA MET A 237 1.64 -14.75 -5.32
C MET A 237 2.19 -13.60 -4.47
N THR A 238 3.36 -13.79 -3.87
CA THR A 238 3.94 -12.73 -3.04
C THR A 238 4.18 -11.45 -3.81
N GLY A 239 4.67 -11.57 -5.05
CA GLY A 239 4.95 -10.41 -5.86
C GLY A 239 3.71 -9.75 -6.45
N TRP A 240 2.54 -10.35 -6.24
CA TRP A 240 1.26 -9.82 -6.74
C TRP A 240 0.62 -8.84 -5.77
N ARG A 241 1.09 -8.85 -4.52
CA ARG A 241 0.61 -7.95 -3.46
C ARG A 241 -0.90 -7.95 -3.27
N LEU A 242 -1.44 -9.10 -2.90
CA LEU A 242 -2.87 -9.24 -2.72
C LEU A 242 -3.24 -10.05 -1.47
N GLY A 243 -3.79 -9.36 -0.49
CA GLY A 243 -4.22 -10.00 0.75
C GLY A 243 -5.62 -9.50 1.07
N PHE A 244 -6.13 -9.85 2.24
CA PHE A 244 -7.46 -9.41 2.62
C PHE A 244 -7.74 -9.62 4.10
N VAL A 245 -8.83 -9.00 4.55
CA VAL A 245 -9.27 -9.13 5.93
C VAL A 245 -10.78 -9.28 5.94
N ALA A 246 -11.29 -9.88 7.01
CA ALA A 246 -12.72 -10.03 7.22
C ALA A 246 -12.85 -9.55 8.67
N ALA A 247 -13.69 -8.55 8.89
CA ALA A 247 -13.86 -8.01 10.23
C ALA A 247 -15.18 -7.27 10.35
N PRO A 248 -15.56 -6.86 11.57
CA PRO A 248 -16.83 -6.13 11.72
C PRO A 248 -16.75 -4.89 10.83
N SER A 249 -17.89 -4.50 10.28
CA SER A 249 -17.96 -3.36 9.39
C SER A 249 -17.39 -2.06 9.94
N TRP A 250 -17.45 -1.85 11.26
CA TRP A 250 -16.90 -0.62 11.84
C TRP A 250 -15.38 -0.59 11.67
N ILE A 251 -14.76 -1.75 11.75
CA ILE A 251 -13.31 -1.85 11.58
C ILE A 251 -12.98 -1.69 10.09
N ILE A 252 -13.77 -2.34 9.23
CA ILE A 252 -13.56 -2.28 7.79
C ILE A 252 -13.68 -0.84 7.27
N GLU A 253 -14.70 -0.13 7.74
CA GLU A 253 -14.92 1.26 7.33
C GLU A 253 -13.67 2.08 7.64
N ARG A 254 -13.11 1.87 8.82
CA ARG A 254 -11.94 2.61 9.24
C ARG A 254 -10.67 2.25 8.48
N MET A 255 -10.58 1.01 8.02
CA MET A 255 -9.42 0.59 7.23
C MET A 255 -9.49 1.13 5.80
N VAL A 256 -10.69 1.25 5.26
CA VAL A 256 -10.85 1.76 3.90
C VAL A 256 -10.60 3.25 3.87
N LYS A 257 -10.92 3.93 4.96
CA LYS A 257 -10.68 5.36 5.07
C LYS A 257 -9.17 5.58 5.12
N PHE A 258 -8.48 4.71 5.85
CA PHE A 258 -7.03 4.76 5.97
C PHE A 258 -6.44 4.51 4.57
N GLN A 259 -6.99 3.52 3.85
CA GLN A 259 -6.51 3.16 2.52
C GLN A 259 -6.61 4.33 1.53
N MET A 260 -7.64 5.16 1.70
CA MET A 260 -7.85 6.33 0.85
C MET A 260 -6.64 7.28 0.88
N TYR A 261 -5.88 7.22 1.97
CA TYR A 261 -4.70 8.07 2.13
C TYR A 261 -3.43 7.24 2.22
N ASN A 262 -3.49 6.05 1.62
CA ASN A 262 -2.38 5.10 1.59
C ASN A 262 -2.24 4.56 0.15
N ALA A 263 -2.57 3.30 -0.08
CA ALA A 263 -2.45 2.71 -1.42
C ALA A 263 -3.69 2.82 -2.31
N THR A 264 -4.76 3.40 -1.78
CA THR A 264 -6.04 3.61 -2.48
C THR A 264 -6.87 2.34 -2.73
N CYS A 265 -6.32 1.42 -3.52
CA CYS A 265 -7.02 0.17 -3.83
C CYS A 265 -6.00 -0.81 -4.40
N PRO A 266 -6.32 -2.13 -4.37
CA PRO A 266 -5.39 -3.13 -4.91
C PRO A 266 -5.42 -3.09 -6.46
N VAL A 267 -4.52 -3.84 -7.08
CA VAL A 267 -4.45 -3.90 -8.55
C VAL A 267 -5.72 -4.57 -9.08
N THR A 268 -6.45 -3.87 -9.93
CA THR A 268 -7.70 -4.37 -10.47
C THR A 268 -7.65 -5.69 -11.22
N PHE A 269 -6.75 -5.82 -12.19
CA PHE A 269 -6.67 -7.06 -12.94
C PHE A 269 -6.17 -8.24 -12.11
N ILE A 270 -5.39 -7.92 -11.06
CA ILE A 270 -4.86 -8.93 -10.15
C ILE A 270 -6.02 -9.48 -9.29
N GLN A 271 -6.90 -8.59 -8.83
CA GLN A 271 -8.06 -9.02 -8.05
C GLN A 271 -8.95 -9.95 -8.87
N TYR A 272 -9.07 -9.62 -10.16
CA TYR A 272 -9.87 -10.42 -11.09
C TYR A 272 -9.27 -11.84 -11.17
N ALA A 273 -7.96 -11.91 -11.33
CA ALA A 273 -7.26 -13.20 -11.44
C ALA A 273 -7.48 -14.05 -10.18
N ALA A 274 -7.37 -13.39 -9.02
CA ALA A 274 -7.54 -14.05 -7.72
C ALA A 274 -8.97 -14.53 -7.48
N ALA A 275 -9.97 -13.73 -7.90
CA ALA A 275 -11.36 -14.13 -7.73
C ALA A 275 -11.65 -15.39 -8.56
N LYS A 276 -11.15 -15.40 -9.80
CA LYS A 276 -11.33 -16.55 -10.67
C LYS A 276 -10.58 -17.75 -10.09
N ALA A 277 -9.36 -17.51 -9.61
CA ALA A 277 -8.53 -18.57 -9.02
C ALA A 277 -9.19 -19.28 -7.84
N LEU A 278 -9.92 -18.52 -7.00
CA LEU A 278 -10.59 -19.10 -5.84
C LEU A 278 -11.68 -20.10 -6.22
N LYS A 279 -12.20 -19.96 -7.44
CA LYS A 279 -13.26 -20.84 -7.92
C LYS A 279 -12.75 -21.91 -8.89
N ASP A 280 -11.46 -21.90 -9.16
CA ASP A 280 -10.85 -22.84 -10.10
C ASP A 280 -10.23 -24.05 -9.40
N GLU A 281 -10.70 -25.24 -9.76
CA GLU A 281 -10.22 -26.50 -9.21
C GLU A 281 -8.70 -26.67 -9.29
N ARG A 282 -8.10 -26.16 -10.37
CA ARG A 282 -6.66 -26.25 -10.57
C ARG A 282 -5.87 -25.48 -9.51
N SER A 283 -6.51 -24.52 -8.86
CA SER A 283 -5.87 -23.75 -7.80
C SER A 283 -5.64 -24.63 -6.58
N TRP A 284 -6.65 -25.45 -6.28
CA TRP A 284 -6.59 -26.35 -5.15
C TRP A 284 -5.65 -27.52 -5.41
N LYS A 285 -5.56 -27.92 -6.69
CA LYS A 285 -4.66 -28.99 -7.10
C LYS A 285 -3.25 -28.44 -6.89
N ALA A 286 -3.02 -27.20 -7.31
CA ALA A 286 -1.70 -26.58 -7.18
C ALA A 286 -1.27 -26.42 -5.72
N VAL A 287 -2.16 -25.92 -4.89
CA VAL A 287 -1.86 -25.73 -3.48
C VAL A 287 -1.49 -27.09 -2.85
N GLU A 288 -2.30 -28.10 -3.13
CA GLU A 288 -2.04 -29.44 -2.60
C GLU A 288 -0.67 -29.97 -3.00
N GLU A 289 -0.27 -29.76 -4.24
CA GLU A 289 1.04 -30.25 -4.68
C GLU A 289 2.18 -29.46 -4.05
N MET A 290 1.95 -28.18 -3.79
CA MET A 290 2.97 -27.37 -3.14
C MET A 290 3.08 -27.86 -1.69
N ARG A 291 1.94 -28.15 -1.08
CA ARG A 291 1.90 -28.62 0.30
C ARG A 291 2.68 -29.92 0.43
N LYS A 292 2.47 -30.82 -0.53
CA LYS A 292 3.16 -32.11 -0.55
C LYS A 292 4.67 -31.99 -0.66
N GLU A 293 5.13 -31.01 -1.44
CA GLU A 293 6.55 -30.79 -1.62
C GLU A 293 7.15 -30.16 -0.37
N TYR A 294 6.43 -29.21 0.21
CA TYR A 294 6.87 -28.54 1.42
C TYR A 294 7.04 -29.60 2.50
N ASP A 295 6.07 -30.50 2.60
CA ASP A 295 6.09 -31.59 3.57
C ASP A 295 7.32 -32.49 3.39
N ARG A 296 7.67 -32.80 2.14
CA ARG A 296 8.81 -33.65 1.83
C ARG A 296 10.11 -33.02 2.33
N ARG A 297 10.24 -31.72 2.09
CA ARG A 297 11.41 -30.95 2.51
C ARG A 297 11.43 -30.81 4.01
N ARG A 298 10.25 -30.61 4.58
CA ARG A 298 10.02 -30.45 6.01
C ARG A 298 10.55 -31.64 6.81
N LYS A 299 10.23 -32.85 6.36
CA LYS A 299 10.69 -34.07 7.01
C LYS A 299 12.21 -34.19 6.89
N LEU A 300 12.76 -33.74 5.77
CA LEU A 300 14.20 -33.76 5.53
C LEU A 300 14.93 -32.88 6.54
N VAL A 301 14.55 -31.60 6.61
CA VAL A 301 15.20 -30.66 7.53
C VAL A 301 15.02 -31.03 9.00
N TRP A 302 13.84 -31.54 9.35
CA TRP A 302 13.58 -31.94 10.73
C TRP A 302 14.55 -33.05 11.14
N LYS A 303 14.63 -34.09 10.32
CA LYS A 303 15.53 -35.21 10.59
C LYS A 303 16.98 -34.79 10.67
N ARG A 304 17.41 -34.04 9.66
CA ARG A 304 18.79 -33.56 9.55
C ARG A 304 19.21 -32.68 10.71
N LEU A 305 18.37 -31.71 11.06
CA LEU A 305 18.69 -30.79 12.16
C LEU A 305 18.82 -31.53 13.49
N ASN A 306 17.87 -32.39 13.78
CA ASN A 306 17.92 -33.16 15.02
C ASN A 306 19.12 -34.09 15.04
N GLU A 307 19.40 -34.75 13.92
CA GLU A 307 20.52 -35.67 13.89
C GLU A 307 21.88 -35.00 13.89
N MET A 308 21.97 -33.75 13.45
CA MET A 308 23.27 -33.07 13.47
C MET A 308 23.57 -32.52 14.87
N GLY A 309 22.57 -32.59 15.76
CA GLY A 309 22.78 -32.13 17.12
C GLY A 309 21.99 -30.92 17.57
N LEU A 310 21.01 -30.49 16.78
CA LEU A 310 20.20 -29.34 17.14
C LEU A 310 18.78 -29.78 17.41
N PRO A 311 18.37 -29.86 18.69
CA PRO A 311 17.00 -30.28 19.06
C PRO A 311 16.01 -29.38 18.35
N THR A 312 15.18 -30.00 17.51
CA THR A 312 14.23 -29.27 16.69
C THR A 312 12.82 -29.85 16.73
N VAL A 313 11.85 -29.01 17.04
CA VAL A 313 10.44 -29.41 17.09
C VAL A 313 9.95 -29.58 15.65
N LYS A 314 9.23 -30.67 15.39
CA LYS A 314 8.69 -30.90 14.06
C LYS A 314 7.54 -29.93 13.85
N PRO A 315 7.69 -28.98 12.91
CA PRO A 315 6.64 -27.98 12.62
C PRO A 315 5.43 -28.61 11.96
N LYS A 316 4.24 -28.15 12.30
CA LYS A 316 3.00 -28.66 11.71
C LYS A 316 2.33 -27.73 10.69
N GLY A 317 2.93 -26.57 10.43
CA GLY A 317 2.36 -25.61 9.50
C GLY A 317 3.38 -24.62 8.94
N ALA A 318 2.99 -23.89 7.89
CA ALA A 318 3.85 -22.92 7.21
C ALA A 318 5.03 -23.69 6.57
N PHE A 319 6.14 -23.01 6.31
CA PHE A 319 7.31 -23.67 5.73
C PHE A 319 8.63 -23.26 6.40
N TYR A 320 8.56 -23.19 7.72
CA TYR A 320 9.69 -22.81 8.55
C TYR A 320 9.89 -23.82 9.65
N ILE A 321 11.14 -23.95 10.05
CA ILE A 321 11.53 -24.83 11.14
C ILE A 321 12.45 -23.97 12.02
N PHE A 322 12.27 -24.10 13.34
CA PHE A 322 12.99 -23.26 14.30
C PHE A 322 13.91 -24.06 15.23
N PRO A 323 15.06 -24.56 14.71
CA PRO A 323 15.98 -25.35 15.52
C PRO A 323 16.60 -24.62 16.72
N ARG A 324 16.82 -25.38 17.79
CA ARG A 324 17.44 -24.84 18.99
C ARG A 324 18.94 -24.83 18.78
N ILE A 325 19.54 -23.66 18.97
CA ILE A 325 20.97 -23.48 18.82
C ILE A 325 21.62 -23.04 20.13
N ARG A 326 20.82 -22.73 21.15
CA ARG A 326 21.35 -22.26 22.44
C ARG A 326 22.36 -23.16 23.12
N ASP A 327 22.24 -24.47 22.92
CA ASP A 327 23.16 -25.43 23.54
C ASP A 327 24.57 -25.42 22.95
N THR A 328 24.72 -24.80 21.77
CA THR A 328 26.03 -24.69 21.13
C THR A 328 26.85 -23.64 21.87
N GLY A 329 26.17 -22.88 22.73
CA GLY A 329 26.85 -21.85 23.51
C GLY A 329 26.88 -20.51 22.83
N LEU A 330 26.38 -20.45 21.60
CA LEU A 330 26.37 -19.20 20.84
C LEU A 330 25.01 -18.50 20.91
N THR A 331 25.00 -17.22 20.59
CA THR A 331 23.76 -16.48 20.56
C THR A 331 23.19 -16.75 19.18
N SER A 332 21.94 -16.35 18.96
CA SER A 332 21.31 -16.56 17.67
C SER A 332 22.07 -15.83 16.56
N LYS A 333 22.60 -14.64 16.89
CA LYS A 333 23.37 -13.85 15.93
C LYS A 333 24.72 -14.49 15.62
N LYS A 334 25.44 -14.90 16.66
CA LYS A 334 26.76 -15.53 16.49
C LYS A 334 26.61 -16.79 15.65
N PHE A 335 25.51 -17.51 15.89
CA PHE A 335 25.27 -18.75 15.17
C PHE A 335 25.08 -18.50 13.68
N SER A 336 24.25 -17.51 13.37
CA SER A 336 23.97 -17.12 11.99
C SER A 336 25.21 -16.57 11.31
N GLU A 337 25.97 -15.78 12.05
CA GLU A 337 27.20 -15.22 11.51
C GLU A 337 28.20 -16.33 11.20
N LEU A 338 28.24 -17.34 12.06
CA LEU A 338 29.12 -18.51 11.89
C LEU A 338 28.68 -19.37 10.69
N MET A 339 27.39 -19.66 10.59
CA MET A 339 26.88 -20.48 9.50
C MET A 339 27.10 -19.81 8.15
N LEU A 340 26.92 -18.49 8.10
CA LEU A 340 27.10 -17.75 6.85
C LEU A 340 28.55 -17.75 6.37
N LYS A 341 29.48 -17.40 7.26
CA LYS A 341 30.87 -17.34 6.85
C LYS A 341 31.59 -18.68 6.70
N GLU A 342 31.22 -19.68 7.50
CA GLU A 342 31.88 -20.98 7.43
C GLU A 342 31.11 -22.08 6.71
N ALA A 343 29.78 -22.07 6.83
CA ALA A 343 28.95 -23.07 6.16
C ALA A 343 28.37 -22.52 4.87
N ARG A 344 28.48 -21.21 4.69
CA ARG A 344 27.93 -20.53 3.52
C ARG A 344 26.44 -20.86 3.41
N VAL A 345 25.79 -20.84 4.58
CA VAL A 345 24.37 -21.09 4.71
C VAL A 345 23.82 -19.92 5.51
N ALA A 346 22.75 -19.31 4.98
CA ALA A 346 22.10 -18.17 5.59
C ALA A 346 20.85 -18.58 6.36
N VAL A 347 20.88 -18.38 7.67
CA VAL A 347 19.73 -18.71 8.51
C VAL A 347 19.41 -17.44 9.29
N VAL A 348 18.14 -17.24 9.62
CA VAL A 348 17.76 -16.04 10.35
C VAL A 348 17.85 -16.22 11.86
N PRO A 349 18.60 -15.34 12.55
CA PRO A 349 18.69 -15.49 14.00
C PRO A 349 17.30 -15.35 14.62
N GLY A 350 16.99 -16.26 15.55
CA GLY A 350 15.70 -16.26 16.21
C GLY A 350 15.30 -14.97 16.90
N SER A 351 16.29 -14.21 17.35
CA SER A 351 16.07 -12.91 18.01
C SER A 351 15.35 -11.90 17.12
N ALA A 352 15.34 -12.15 15.82
CA ALA A 352 14.67 -11.26 14.87
C ALA A 352 13.16 -11.42 15.01
N PHE A 353 12.74 -12.47 15.68
CA PHE A 353 11.32 -12.74 15.87
C PHE A 353 10.88 -12.47 17.30
N GLY A 354 11.73 -11.75 18.04
CA GLY A 354 11.40 -11.42 19.41
C GLY A 354 12.37 -12.01 20.41
N LYS A 355 12.29 -11.52 21.64
CA LYS A 355 13.17 -12.00 22.71
C LYS A 355 13.10 -13.50 22.89
N ALA A 356 11.90 -14.07 22.83
CA ALA A 356 11.70 -15.51 22.99
C ALA A 356 12.31 -16.31 21.83
N GLY A 357 12.71 -15.61 20.77
CA GLY A 357 13.32 -16.26 19.62
C GLY A 357 14.80 -16.52 19.86
N GLU A 358 15.40 -15.76 20.77
CA GLU A 358 16.81 -15.93 21.12
C GLU A 358 17.06 -17.37 21.57
N GLY A 359 18.14 -17.97 21.09
CA GLY A 359 18.47 -19.34 21.42
C GLY A 359 18.04 -20.28 20.30
N TYR A 360 17.46 -19.70 19.24
CA TYR A 360 16.98 -20.46 18.09
C TYR A 360 17.35 -19.76 16.79
N VAL A 361 17.00 -20.39 15.68
CA VAL A 361 17.30 -19.81 14.38
C VAL A 361 16.18 -20.29 13.44
N ARG A 362 15.71 -19.41 12.55
CA ARG A 362 14.69 -19.82 11.60
C ARG A 362 15.29 -20.29 10.29
N ILE A 363 14.80 -21.44 9.84
CA ILE A 363 15.20 -22.02 8.58
C ILE A 363 13.93 -22.17 7.76
N SER A 364 13.97 -21.68 6.52
CA SER A 364 12.82 -21.81 5.63
C SER A 364 13.10 -22.93 4.65
N TYR A 365 12.13 -23.84 4.50
CA TYR A 365 12.28 -24.93 3.57
C TYR A 365 11.51 -24.69 2.26
N ALA A 366 11.32 -23.40 1.97
CA ALA A 366 10.69 -22.99 0.74
C ALA A 366 11.86 -22.77 -0.25
N THR A 367 12.66 -23.83 -0.43
CA THR A 367 13.80 -23.84 -1.38
C THR A 367 13.95 -25.29 -1.85
N ALA A 368 14.57 -25.46 -3.02
CA ALA A 368 14.77 -26.77 -3.62
C ALA A 368 15.32 -27.79 -2.63
N TYR A 369 14.68 -28.96 -2.62
CA TYR A 369 15.04 -30.07 -1.73
C TYR A 369 16.54 -30.35 -1.76
N GLU A 370 17.13 -30.29 -2.95
CA GLU A 370 18.55 -30.55 -3.14
C GLU A 370 19.43 -29.49 -2.48
N LYS A 371 18.95 -28.25 -2.44
CA LYS A 371 19.68 -27.15 -1.81
C LYS A 371 19.63 -27.35 -0.31
N LEU A 372 18.48 -27.84 0.17
CA LEU A 372 18.28 -28.12 1.59
C LEU A 372 19.23 -29.23 2.03
N GLU A 373 19.33 -30.28 1.22
CA GLU A 373 20.24 -31.39 1.54
C GLU A 373 21.67 -30.92 1.74
N GLU A 374 22.15 -30.09 0.82
CA GLU A 374 23.52 -29.59 0.91
C GLU A 374 23.70 -28.57 2.02
N ALA A 375 22.67 -27.75 2.25
CA ALA A 375 22.72 -26.74 3.31
C ALA A 375 22.86 -27.46 4.66
N MET A 376 22.13 -28.55 4.83
CA MET A 376 22.18 -29.34 6.07
C MET A 376 23.56 -29.95 6.28
N ASP A 377 24.13 -30.49 5.21
CA ASP A 377 25.46 -31.09 5.26
C ASP A 377 26.51 -30.06 5.65
N ARG A 378 26.37 -28.85 5.09
CA ARG A 378 27.32 -27.77 5.35
C ARG A 378 27.27 -27.34 6.82
N MET A 379 26.05 -27.13 7.32
CA MET A 379 25.84 -26.73 8.71
C MET A 379 26.41 -27.80 9.65
N GLU A 380 26.06 -29.06 9.41
CA GLU A 380 26.51 -30.15 10.27
C GLU A 380 28.04 -30.26 10.33
N ARG A 381 28.70 -30.09 9.19
CA ARG A 381 30.15 -30.16 9.16
C ARG A 381 30.76 -29.09 10.06
N VAL A 382 30.30 -27.85 9.92
CA VAL A 382 30.79 -26.73 10.74
C VAL A 382 30.55 -26.98 12.23
N LEU A 383 29.36 -27.50 12.55
CA LEU A 383 28.97 -27.84 13.90
C LEU A 383 29.96 -28.86 14.45
N LYS A 384 30.29 -29.85 13.63
CA LYS A 384 31.22 -30.92 14.01
C LYS A 384 32.67 -30.42 14.15
N GLU A 385 33.11 -29.59 13.21
CA GLU A 385 34.47 -29.06 13.23
C GLU A 385 34.70 -28.09 14.39
N ARG A 386 33.66 -27.32 14.72
CA ARG A 386 33.73 -26.36 15.80
C ARG A 386 33.43 -27.03 17.15
N LYS A 387 33.13 -28.32 17.12
CA LYS A 387 32.82 -29.09 18.32
C LYS A 387 31.67 -28.43 19.10
N LEU A 388 30.72 -27.86 18.36
CA LEU A 388 29.58 -27.18 18.96
C LEU A 388 28.44 -28.12 19.32
N VAL A 389 28.49 -29.35 18.81
CA VAL A 389 27.44 -30.32 19.08
C VAL A 389 27.95 -31.60 19.76
N ALA B 2 -2.58 8.68 18.76
CA ALA B 2 -2.46 7.40 18.01
C ALA B 2 -3.10 7.62 16.64
N LEU B 3 -2.79 6.73 15.70
CA LEU B 3 -3.34 6.82 14.35
C LEU B 3 -4.87 6.84 14.32
N SER B 4 -5.51 6.05 15.17
CA SER B 4 -6.97 6.00 15.21
C SER B 4 -7.54 7.37 15.54
N ASP B 5 -6.85 8.14 16.39
CA ASP B 5 -7.29 9.48 16.78
C ASP B 5 -7.18 10.43 15.61
N ARG B 6 -6.08 10.31 14.87
CA ARG B 6 -5.85 11.16 13.71
C ARG B 6 -6.87 10.84 12.63
N LEU B 7 -7.16 9.55 12.45
CA LEU B 7 -8.16 9.11 11.47
C LEU B 7 -9.55 9.66 11.75
N GLU B 8 -9.91 9.78 13.02
CA GLU B 8 -11.22 10.31 13.36
C GLU B 8 -11.26 11.82 13.08
N LEU B 9 -10.08 12.45 13.02
CA LEU B 9 -9.98 13.88 12.73
C LEU B 9 -10.18 14.20 11.25
N VAL B 10 -10.03 13.19 10.40
CA VAL B 10 -10.21 13.35 8.95
C VAL B 10 -11.70 13.24 8.64
N SER B 11 -12.23 14.20 7.89
CA SER B 11 -13.66 14.21 7.53
C SER B 11 -14.00 13.19 6.44
N ALA B 12 -15.28 12.84 6.35
CA ALA B 12 -15.77 11.90 5.33
C ALA B 12 -15.68 12.60 3.99
N SER B 13 -15.28 11.88 2.96
CA SER B 13 -15.14 12.47 1.64
C SER B 13 -16.43 12.83 0.93
N GLU B 14 -16.48 14.06 0.43
CA GLU B 14 -17.62 14.60 -0.31
C GLU B 14 -17.73 13.90 -1.66
N ILE B 15 -16.58 13.57 -2.23
CA ILE B 15 -16.53 12.88 -3.50
C ILE B 15 -17.18 11.51 -3.26
N ARG B 16 -16.93 10.96 -2.07
CA ARG B 16 -17.49 9.66 -1.68
C ARG B 16 -19.01 9.82 -1.56
N LYS B 17 -19.43 10.90 -0.91
CA LYS B 17 -20.85 11.16 -0.75
C LYS B 17 -21.51 11.36 -2.10
N LEU B 18 -20.76 11.88 -3.06
CA LEU B 18 -21.31 12.11 -4.40
C LEU B 18 -21.42 10.83 -5.23
N PHE B 19 -20.58 9.84 -4.98
CA PHE B 19 -20.67 8.61 -5.75
C PHE B 19 -21.92 7.84 -5.39
N ASP B 20 -22.10 7.64 -4.08
CA ASP B 20 -23.27 6.91 -3.55
C ASP B 20 -24.59 7.59 -3.90
N ILE B 21 -24.52 8.86 -4.31
CA ILE B 21 -25.73 9.60 -4.66
C ILE B 21 -25.97 9.59 -6.17
N ALA B 22 -24.99 9.06 -6.90
CA ALA B 22 -25.10 8.92 -8.35
C ALA B 22 -25.48 7.47 -8.61
N ALA B 23 -25.27 6.63 -7.60
CA ALA B 23 -25.56 5.21 -7.66
C ALA B 23 -27.02 4.82 -7.93
N GLY B 24 -27.95 5.45 -7.20
CA GLY B 24 -29.37 5.13 -7.38
C GLY B 24 -30.05 5.85 -8.52
N MET B 25 -29.22 6.41 -9.39
CA MET B 25 -29.66 7.22 -10.54
C MET B 25 -29.11 6.60 -11.83
N LYS B 26 -29.89 6.68 -12.92
CA LYS B 26 -29.45 6.10 -14.21
C LYS B 26 -29.91 6.79 -15.50
N ASP B 27 -29.16 7.82 -15.83
CA ASP B 27 -29.29 8.68 -17.02
C ASP B 27 -28.19 9.71 -16.81
N VAL B 28 -27.46 9.54 -15.70
CA VAL B 28 -26.38 10.43 -15.29
C VAL B 28 -25.05 10.31 -16.00
N ILE B 29 -24.51 11.45 -16.41
CA ILE B 29 -23.21 11.51 -17.04
C ILE B 29 -22.29 12.05 -15.96
N SER B 30 -21.25 11.31 -15.66
CA SER B 30 -20.33 11.73 -14.64
C SER B 30 -19.16 12.56 -15.13
N LEU B 31 -19.06 13.73 -14.54
CA LEU B 31 -17.98 14.65 -14.81
C LEU B 31 -17.11 14.71 -13.55
N GLY B 32 -17.25 13.71 -12.68
CA GLY B 32 -16.48 13.68 -11.46
C GLY B 32 -15.34 12.66 -11.47
N ILE B 33 -15.02 12.14 -12.66
CA ILE B 33 -13.98 11.12 -12.86
C ILE B 33 -12.55 11.64 -12.62
N GLY B 34 -11.87 11.09 -11.62
CA GLY B 34 -10.51 11.54 -11.34
C GLY B 34 -9.44 10.63 -11.91
N GLU B 35 -9.70 10.09 -13.09
CA GLU B 35 -8.76 9.18 -13.73
C GLU B 35 -8.99 9.13 -15.24
N PRO B 36 -7.99 8.67 -15.98
CA PRO B 36 -8.06 8.54 -17.45
C PRO B 36 -9.18 7.60 -17.89
N ASP B 37 -9.90 7.98 -18.94
CA ASP B 37 -10.95 7.12 -19.46
C ASP B 37 -10.33 6.11 -20.44
N PHE B 38 -9.08 6.39 -20.84
CA PHE B 38 -8.35 5.54 -21.78
C PHE B 38 -7.88 4.24 -21.15
N ASP B 39 -7.71 3.23 -21.99
CA ASP B 39 -7.21 1.97 -21.51
C ASP B 39 -5.70 2.07 -21.54
N THR B 40 -5.05 1.17 -20.82
CA THR B 40 -3.59 1.12 -20.79
C THR B 40 -3.11 0.69 -22.16
N PRO B 41 -2.12 1.39 -22.72
CA PRO B 41 -1.60 1.02 -24.04
C PRO B 41 -1.27 -0.47 -24.09
N GLN B 42 -1.79 -1.14 -25.12
CA GLN B 42 -1.60 -2.57 -25.31
C GLN B 42 -0.17 -3.10 -25.15
N HIS B 43 0.83 -2.37 -25.64
CA HIS B 43 2.20 -2.85 -25.51
C HIS B 43 2.66 -2.95 -24.07
N ILE B 44 2.12 -2.08 -23.21
CA ILE B 44 2.47 -2.11 -21.79
C ILE B 44 1.82 -3.38 -21.21
N LYS B 45 0.60 -3.67 -21.65
CA LYS B 45 -0.11 -4.87 -21.21
C LYS B 45 0.71 -6.08 -21.61
N GLU B 46 1.31 -6.04 -22.80
CA GLU B 46 2.11 -7.16 -23.29
C GLU B 46 3.38 -7.34 -22.47
N TYR B 47 3.97 -6.23 -22.01
CA TYR B 47 5.18 -6.30 -21.19
C TYR B 47 4.88 -6.96 -19.85
N ALA B 48 3.67 -6.71 -19.33
CA ALA B 48 3.23 -7.31 -18.06
C ALA B 48 3.07 -8.81 -18.25
N LYS B 49 2.46 -9.19 -19.36
CA LYS B 49 2.23 -10.60 -19.69
C LYS B 49 3.57 -11.29 -19.86
N GLU B 50 4.54 -10.56 -20.41
CA GLU B 50 5.89 -11.06 -20.62
C GLU B 50 6.56 -11.30 -19.27
N ALA B 51 6.38 -10.36 -18.34
CA ALA B 51 6.96 -10.46 -17.01
C ALA B 51 6.37 -11.68 -16.29
N LEU B 52 5.09 -11.97 -16.54
CA LEU B 52 4.43 -13.12 -15.93
C LEU B 52 5.05 -14.42 -16.43
N ASP B 53 5.35 -14.45 -17.73
CA ASP B 53 5.98 -15.60 -18.36
C ASP B 53 7.41 -15.80 -17.87
N LYS B 54 8.08 -14.71 -17.52
CA LYS B 54 9.45 -14.76 -17.00
C LYS B 54 9.45 -15.10 -15.51
N GLY B 55 8.25 -15.29 -14.96
CA GLY B 55 8.12 -15.64 -13.54
C GLY B 55 8.48 -14.57 -12.52
N LEU B 56 8.28 -13.30 -12.85
CA LEU B 56 8.57 -12.17 -11.95
C LEU B 56 7.31 -12.04 -11.10
N THR B 57 7.21 -12.98 -10.18
CA THR B 57 6.04 -13.15 -9.34
C THR B 57 6.39 -13.21 -7.83
N HIS B 58 7.66 -13.03 -7.52
CA HIS B 58 8.12 -13.08 -6.13
C HIS B 58 8.31 -11.69 -5.54
N TYR B 59 8.66 -11.61 -4.26
CA TYR B 59 8.87 -10.31 -3.63
C TYR B 59 10.03 -9.60 -4.30
N GLY B 60 9.99 -8.28 -4.25
CA GLY B 60 11.07 -7.47 -4.78
C GLY B 60 11.48 -6.58 -3.62
N PRO B 61 12.54 -5.77 -3.79
CA PRO B 61 13.01 -4.86 -2.72
C PRO B 61 11.91 -3.91 -2.28
N ASN B 62 11.94 -3.52 -1.00
CA ASN B 62 10.95 -2.59 -0.48
C ASN B 62 10.98 -1.28 -1.28
N ILE B 63 12.18 -0.89 -1.67
CA ILE B 63 12.43 0.34 -2.43
C ILE B 63 12.04 0.25 -3.89
N GLY B 64 11.80 -0.98 -4.36
CA GLY B 64 11.41 -1.21 -5.75
C GLY B 64 12.47 -1.90 -6.57
N LEU B 65 12.09 -2.48 -7.71
CA LEU B 65 13.05 -3.15 -8.59
C LEU B 65 14.11 -2.17 -9.06
N LEU B 66 15.38 -2.60 -9.04
CA LEU B 66 16.47 -1.73 -9.47
C LEU B 66 16.31 -1.30 -10.93
N GLU B 67 15.89 -2.23 -11.77
CA GLU B 67 15.68 -1.97 -13.19
C GLU B 67 14.69 -0.83 -13.40
N LEU B 68 13.63 -0.80 -12.59
CA LEU B 68 12.65 0.28 -12.71
C LEU B 68 13.20 1.59 -12.14
N ARG B 69 13.91 1.51 -11.03
CA ARG B 69 14.49 2.71 -10.43
C ARG B 69 15.51 3.33 -11.39
N GLU B 70 16.24 2.50 -12.13
CA GLU B 70 17.22 3.00 -13.09
C GLU B 70 16.48 3.66 -14.26
N ALA B 71 15.38 3.05 -14.70
CA ALA B 71 14.58 3.63 -15.80
C ALA B 71 13.95 4.96 -15.35
N ILE B 72 13.55 5.03 -14.08
CA ILE B 72 12.95 6.25 -13.54
C ILE B 72 14.02 7.35 -13.44
N ALA B 73 15.25 6.97 -13.05
CA ALA B 73 16.35 7.92 -12.92
C ALA B 73 16.62 8.61 -14.26
N GLU B 74 16.59 7.82 -15.34
CA GLU B 74 16.78 8.32 -16.70
C GLU B 74 15.63 9.25 -17.08
N LYS B 75 14.40 8.84 -16.77
CA LYS B 75 13.21 9.63 -17.02
C LYS B 75 13.29 10.99 -16.29
N LEU B 76 13.67 10.96 -15.01
CA LEU B 76 13.76 12.17 -14.22
C LEU B 76 14.83 13.11 -14.77
N LYS B 77 15.95 12.54 -15.22
CA LYS B 77 17.04 13.35 -15.75
C LYS B 77 16.66 14.02 -17.07
N LYS B 78 16.24 13.21 -18.04
CA LYS B 78 15.87 13.69 -19.36
C LYS B 78 14.63 14.56 -19.41
N GLN B 79 13.55 14.09 -18.79
CA GLN B 79 12.29 14.83 -18.78
C GLN B 79 12.16 15.96 -17.77
N ASN B 80 12.75 15.80 -16.59
CA ASN B 80 12.61 16.80 -15.53
C ASN B 80 13.88 17.54 -15.10
N GLY B 81 15.04 17.12 -15.59
CA GLY B 81 16.28 17.77 -15.20
C GLY B 81 16.64 17.48 -13.75
N ILE B 82 16.13 16.36 -13.24
CA ILE B 82 16.37 15.91 -11.87
C ILE B 82 17.40 14.80 -11.88
N GLU B 83 18.50 15.02 -11.15
CA GLU B 83 19.57 14.05 -11.04
C GLU B 83 19.36 13.25 -9.75
N ALA B 84 19.01 11.97 -9.88
CA ALA B 84 18.76 11.11 -8.72
C ALA B 84 19.37 9.72 -8.86
N ASP B 85 20.00 9.26 -7.78
CA ASP B 85 20.64 7.96 -7.71
C ASP B 85 19.54 6.90 -7.54
N PRO B 86 19.39 5.99 -8.51
CA PRO B 86 18.36 4.95 -8.41
C PRO B 86 18.52 4.00 -7.21
N LYS B 87 19.75 3.86 -6.73
CA LYS B 87 20.05 2.98 -5.61
C LYS B 87 19.63 3.49 -4.25
N THR B 88 19.59 4.81 -4.08
CA THR B 88 19.26 5.40 -2.78
C THR B 88 18.28 6.56 -2.76
N GLU B 89 18.08 7.21 -3.90
CA GLU B 89 17.22 8.38 -3.94
C GLU B 89 15.92 8.24 -4.71
N ILE B 90 15.59 7.00 -5.10
CA ILE B 90 14.36 6.72 -5.84
C ILE B 90 13.65 5.53 -5.23
N MET B 91 12.35 5.68 -5.00
CA MET B 91 11.53 4.62 -4.44
C MET B 91 10.25 4.44 -5.24
N VAL B 92 9.91 3.19 -5.52
CA VAL B 92 8.69 2.86 -6.25
C VAL B 92 7.61 2.58 -5.18
N LEU B 93 6.39 3.01 -5.43
CA LEU B 93 5.28 2.87 -4.49
C LEU B 93 4.02 2.29 -5.12
N LEU B 94 3.06 1.92 -4.28
CA LEU B 94 1.78 1.39 -4.74
C LEU B 94 0.89 2.60 -5.01
N GLY B 95 1.17 3.26 -6.12
CA GLY B 95 0.46 4.47 -6.49
C GLY B 95 1.20 5.62 -5.86
N ALA B 96 1.15 6.78 -6.50
CA ALA B 96 1.81 7.98 -5.98
C ALA B 96 1.14 8.45 -4.70
N ASN B 97 -0.12 8.08 -4.52
CA ASN B 97 -0.90 8.45 -3.35
C ASN B 97 -0.20 8.12 -2.03
N GLN B 98 0.54 7.01 -2.01
CA GLN B 98 1.28 6.57 -0.82
C GLN B 98 2.35 7.56 -0.38
N ALA B 99 2.90 8.29 -1.35
CA ALA B 99 3.97 9.24 -1.11
C ALA B 99 3.73 10.31 -0.07
N PHE B 100 2.49 10.78 0.04
CA PHE B 100 2.15 11.85 0.97
C PHE B 100 2.20 11.42 2.43
N LEU B 101 1.53 10.33 2.77
CA LEU B 101 1.53 9.82 4.14
C LEU B 101 2.93 9.35 4.53
N MET B 102 3.55 8.55 3.67
CA MET B 102 4.88 8.02 3.95
C MET B 102 6.00 9.06 3.86
N GLY B 103 5.86 9.98 2.92
CA GLY B 103 6.86 11.03 2.73
C GLY B 103 6.88 11.99 3.92
N LEU B 104 5.71 12.42 4.36
CA LEU B 104 5.59 13.34 5.51
C LEU B 104 6.06 12.65 6.79
N SER B 105 5.77 11.35 6.92
CA SER B 105 6.17 10.56 8.10
C SER B 105 7.68 10.40 8.26
N ALA B 106 8.44 10.73 7.21
CA ALA B 106 9.88 10.64 7.29
C ALA B 106 10.46 11.82 8.08
N PHE B 107 9.63 12.82 8.38
CA PHE B 107 10.16 13.98 9.11
C PHE B 107 9.19 14.81 9.98
N LEU B 108 7.92 14.87 9.61
CA LEU B 108 6.94 15.68 10.34
C LEU B 108 6.76 15.33 11.82
N LYS B 109 6.86 16.35 12.67
CA LYS B 109 6.72 16.20 14.12
C LYS B 109 5.36 16.69 14.59
N ASP B 110 5.06 16.42 15.86
CA ASP B 110 3.80 16.81 16.49
C ASP B 110 3.45 18.27 16.37
N GLY B 111 2.26 18.54 15.85
CA GLY B 111 1.80 19.91 15.70
C GLY B 111 2.45 20.74 14.61
N GLU B 112 3.41 20.17 13.88
CA GLU B 112 4.08 20.90 12.81
C GLU B 112 3.15 21.12 11.63
N GLU B 113 3.20 22.33 11.08
CA GLU B 113 2.35 22.73 9.98
C GLU B 113 2.84 22.44 8.55
N VAL B 114 1.87 22.11 7.71
CA VAL B 114 2.13 21.83 6.30
C VAL B 114 1.21 22.72 5.49
N LEU B 115 1.82 23.61 4.72
CA LEU B 115 1.06 24.53 3.87
C LEU B 115 0.50 23.74 2.69
N ILE B 116 -0.80 23.86 2.49
CA ILE B 116 -1.45 23.18 1.40
C ILE B 116 -2.24 24.17 0.56
N PRO B 117 -1.75 24.45 -0.66
CA PRO B 117 -2.39 25.37 -1.59
C PRO B 117 -3.76 24.77 -1.92
N THR B 118 -4.80 25.60 -1.89
CA THR B 118 -6.16 25.15 -2.17
C THR B 118 -6.76 25.99 -3.30
N PRO B 119 -7.68 25.42 -4.11
CA PRO B 119 -8.24 24.05 -4.13
C PRO B 119 -7.12 23.02 -4.23
N ALA B 120 -7.21 22.00 -3.39
CA ALA B 120 -6.18 20.97 -3.34
C ALA B 120 -6.68 19.57 -3.52
N PHE B 121 -5.77 18.69 -3.91
CA PHE B 121 -6.07 17.27 -4.08
C PHE B 121 -6.52 16.77 -2.72
N VAL B 122 -7.56 15.95 -2.72
CA VAL B 122 -8.16 15.44 -1.49
C VAL B 122 -7.29 14.64 -0.53
N SER B 123 -6.17 14.09 -0.99
CA SER B 123 -5.31 13.31 -0.10
C SER B 123 -4.32 14.12 0.73
N TYR B 124 -4.12 15.38 0.36
CA TYR B 124 -3.15 16.23 1.04
C TYR B 124 -3.36 16.50 2.52
N ALA B 125 -4.46 17.14 2.88
CA ALA B 125 -4.72 17.46 4.29
C ALA B 125 -4.80 16.21 5.17
N PRO B 126 -5.52 15.15 4.73
CA PRO B 126 -5.61 13.96 5.56
C PRO B 126 -4.26 13.30 5.78
N ALA B 127 -3.39 13.33 4.78
CA ALA B 127 -2.06 12.73 4.94
C ALA B 127 -1.28 13.50 6.00
N VAL B 128 -1.43 14.83 6.04
CA VAL B 128 -0.75 15.66 7.03
C VAL B 128 -1.25 15.28 8.43
N ILE B 129 -2.57 15.19 8.58
CA ILE B 129 -3.22 14.84 9.84
C ILE B 129 -2.74 13.45 10.31
N LEU B 130 -2.76 12.47 9.41
CA LEU B 130 -2.31 11.12 9.73
C LEU B 130 -0.84 11.07 10.10
N ALA B 131 -0.02 11.90 9.45
CA ALA B 131 1.41 11.94 9.74
C ALA B 131 1.69 12.56 11.12
N GLY B 132 0.70 13.28 11.66
CA GLY B 132 0.84 13.89 12.97
C GLY B 132 0.96 15.40 12.97
N GLY B 133 0.81 16.02 11.80
CA GLY B 133 0.90 17.47 11.72
C GLY B 133 -0.42 18.19 11.53
N LYS B 134 -0.33 19.49 11.31
CA LYS B 134 -1.50 20.34 11.12
C LYS B 134 -1.52 20.94 9.72
N PRO B 135 -2.57 20.63 8.95
CA PRO B 135 -2.66 21.19 7.60
C PRO B 135 -3.08 22.67 7.64
N VAL B 136 -2.41 23.50 6.86
CA VAL B 136 -2.74 24.92 6.81
C VAL B 136 -3.05 25.28 5.35
N GLU B 137 -4.32 25.54 5.07
CA GLU B 137 -4.76 25.88 3.72
C GLU B 137 -4.26 27.26 3.26
N VAL B 138 -3.72 27.30 2.05
CA VAL B 138 -3.21 28.54 1.47
C VAL B 138 -4.02 28.74 0.18
N PRO B 139 -5.01 29.63 0.20
CA PRO B 139 -5.80 29.82 -1.02
C PRO B 139 -5.06 30.32 -2.28
N THR B 140 -5.57 29.85 -3.43
CA THR B 140 -5.06 30.25 -4.74
C THR B 140 -6.31 30.88 -5.35
N TYR B 141 -6.12 31.87 -6.23
CA TYR B 141 -7.25 32.61 -6.79
C TYR B 141 -7.42 32.49 -8.28
N GLU B 142 -8.67 32.52 -8.74
CA GLU B 142 -8.98 32.41 -10.15
C GLU B 142 -8.41 33.56 -10.97
N GLU B 143 -8.28 34.74 -10.36
CA GLU B 143 -7.72 35.88 -11.07
C GLU B 143 -6.22 35.67 -11.31
N ASP B 144 -5.64 34.71 -10.58
CA ASP B 144 -4.24 34.34 -10.74
C ASP B 144 -4.18 33.05 -11.58
N GLU B 145 -5.31 32.67 -12.17
CA GLU B 145 -5.42 31.43 -12.96
C GLU B 145 -5.16 30.25 -12.01
N PHE B 146 -5.45 30.47 -10.72
CA PHE B 146 -5.26 29.53 -9.63
C PHE B 146 -3.79 29.13 -9.41
N ARG B 147 -2.87 29.96 -9.92
CA ARG B 147 -1.46 29.69 -9.75
C ARG B 147 -1.07 30.14 -8.34
N LEU B 148 -0.41 29.25 -7.60
CA LEU B 148 0.01 29.56 -6.25
C LEU B 148 0.84 30.83 -6.21
N ASN B 149 0.47 31.72 -5.29
CA ASN B 149 1.11 33.01 -5.10
C ASN B 149 1.96 33.01 -3.82
N VAL B 150 3.24 33.36 -3.95
CA VAL B 150 4.14 33.42 -2.79
C VAL B 150 3.67 34.48 -1.78
N ASP B 151 2.94 35.49 -2.25
CA ASP B 151 2.41 36.52 -1.35
C ASP B 151 1.50 35.84 -0.31
N GLU B 152 0.75 34.84 -0.78
CA GLU B 152 -0.18 34.09 0.06
C GLU B 152 0.58 33.13 0.99
N LEU B 153 1.60 32.46 0.46
CA LEU B 153 2.38 31.54 1.28
C LEU B 153 3.04 32.27 2.45
N LYS B 154 3.54 33.47 2.19
CA LYS B 154 4.19 34.27 3.21
C LYS B 154 3.27 34.68 4.36
N LYS B 155 1.98 34.78 4.06
CA LYS B 155 1.00 35.16 5.06
C LYS B 155 0.66 33.97 5.97
N TYR B 156 0.72 32.76 5.41
CA TYR B 156 0.38 31.55 6.15
C TYR B 156 1.50 30.79 6.85
N VAL B 157 2.75 31.10 6.53
CA VAL B 157 3.86 30.43 7.22
C VAL B 157 3.93 30.85 8.67
N THR B 158 4.44 29.96 9.51
CA THR B 158 4.65 30.23 10.93
C THR B 158 5.94 29.52 11.28
N ASP B 159 6.38 29.65 12.54
CA ASP B 159 7.59 28.98 13.00
C ASP B 159 7.35 27.47 13.12
N LYS B 160 6.07 27.07 13.08
CA LYS B 160 5.69 25.66 13.17
C LYS B 160 5.64 24.96 11.80
N THR B 161 5.71 25.75 10.72
CA THR B 161 5.67 25.19 9.37
C THR B 161 6.95 24.42 9.00
N ARG B 162 6.77 23.19 8.52
CA ARG B 162 7.90 22.33 8.14
C ARG B 162 7.84 21.85 6.70
N ALA B 163 6.66 21.86 6.11
CA ALA B 163 6.53 21.39 4.73
C ALA B 163 5.53 22.19 3.90
N LEU B 164 5.63 22.01 2.60
CA LEU B 164 4.75 22.66 1.64
C LEU B 164 4.49 21.61 0.58
N ILE B 165 3.22 21.42 0.22
CA ILE B 165 2.88 20.48 -0.84
C ILE B 165 2.47 21.30 -2.07
N ILE B 166 3.08 20.99 -3.20
CA ILE B 166 2.79 21.65 -4.46
C ILE B 166 2.25 20.62 -5.43
N ASN B 167 1.36 21.05 -6.32
CA ASN B 167 0.75 20.17 -7.33
C ASN B 167 0.55 20.93 -8.63
N SER B 168 1.43 20.66 -9.59
CA SER B 168 1.37 21.29 -10.90
C SER B 168 1.78 20.28 -11.98
N PRO B 169 0.88 20.00 -12.95
CA PRO B 169 -0.47 20.55 -13.14
C PRO B 169 -1.36 20.20 -11.95
N CYS B 170 -2.26 21.12 -11.62
CA CYS B 170 -3.13 20.95 -10.48
C CYS B 170 -4.48 20.29 -10.61
N ASN B 171 -4.75 19.36 -9.69
CA ASN B 171 -6.05 18.71 -9.60
C ASN B 171 -6.52 19.48 -8.35
N PRO B 172 -7.70 20.10 -8.41
CA PRO B 172 -8.74 20.27 -9.44
C PRO B 172 -8.78 21.50 -10.35
N THR B 173 -7.88 22.45 -10.17
CA THR B 173 -7.93 23.68 -10.98
C THR B 173 -7.40 23.61 -12.41
N GLY B 174 -6.43 22.74 -12.65
CA GLY B 174 -5.83 22.63 -13.96
C GLY B 174 -4.72 23.67 -14.12
N ALA B 175 -4.42 24.37 -13.03
CA ALA B 175 -3.39 25.40 -13.06
C ALA B 175 -1.98 24.82 -13.22
N VAL B 176 -1.13 25.55 -13.94
CA VAL B 176 0.25 25.13 -14.13
C VAL B 176 1.19 26.24 -13.66
N LEU B 177 2.03 25.91 -12.71
CA LEU B 177 3.00 26.85 -12.18
C LEU B 177 4.03 27.14 -13.27
N THR B 178 4.33 28.42 -13.48
CA THR B 178 5.32 28.79 -14.48
C THR B 178 6.71 28.59 -13.86
N LYS B 179 7.75 28.70 -14.67
CA LYS B 179 9.09 28.54 -14.14
C LYS B 179 9.38 29.56 -13.05
N LYS B 180 8.96 30.82 -13.28
CA LYS B 180 9.19 31.88 -12.30
C LYS B 180 8.41 31.63 -11.02
N ASP B 181 7.21 31.06 -11.13
CA ASP B 181 6.40 30.73 -9.96
C ASP B 181 7.21 29.78 -9.11
N LEU B 182 7.74 28.73 -9.75
CA LEU B 182 8.53 27.73 -9.07
C LEU B 182 9.80 28.31 -8.47
N GLU B 183 10.44 29.23 -9.18
CA GLU B 183 11.66 29.85 -8.68
C GLU B 183 11.38 30.67 -7.42
N GLU B 184 10.21 31.29 -7.39
CA GLU B 184 9.78 32.11 -6.27
C GLU B 184 9.34 31.22 -5.10
N ILE B 185 8.72 30.09 -5.43
CA ILE B 185 8.28 29.14 -4.42
C ILE B 185 9.52 28.51 -3.79
N ALA B 186 10.51 28.22 -4.62
CA ALA B 186 11.76 27.61 -4.16
C ALA B 186 12.45 28.51 -3.14
N ASP B 187 12.47 29.81 -3.42
CA ASP B 187 13.09 30.78 -2.51
C ASP B 187 12.42 30.75 -1.15
N PHE B 188 11.08 30.71 -1.17
CA PHE B 188 10.28 30.68 0.03
C PHE B 188 10.56 29.39 0.83
N VAL B 189 10.60 28.26 0.13
CA VAL B 189 10.87 26.97 0.77
C VAL B 189 12.23 26.98 1.45
N VAL B 190 13.24 27.50 0.75
CA VAL B 190 14.59 27.56 1.32
C VAL B 190 14.64 28.51 2.52
N GLU B 191 14.02 29.67 2.38
CA GLU B 191 14.00 30.68 3.44
C GLU B 191 13.41 30.17 4.76
N HIS B 192 12.35 29.37 4.66
CA HIS B 192 11.70 28.85 5.84
C HIS B 192 12.12 27.44 6.19
N ASP B 193 13.19 26.98 5.55
CA ASP B 193 13.73 25.64 5.77
C ASP B 193 12.68 24.55 5.75
N LEU B 194 11.86 24.58 4.71
CA LEU B 194 10.79 23.61 4.56
C LEU B 194 11.19 22.50 3.61
N ILE B 195 10.38 21.47 3.61
CA ILE B 195 10.57 20.37 2.68
C ILE B 195 9.35 20.55 1.78
N VAL B 196 9.59 20.56 0.48
CA VAL B 196 8.49 20.71 -0.45
C VAL B 196 8.23 19.38 -1.17
N ILE B 197 6.95 18.99 -1.23
CA ILE B 197 6.56 17.77 -1.89
C ILE B 197 5.88 18.23 -3.16
N SER B 198 6.45 17.84 -4.30
CA SER B 198 5.96 18.24 -5.61
C SER B 198 5.24 17.09 -6.31
N ASP B 199 3.92 17.24 -6.45
CA ASP B 199 3.08 16.22 -7.07
C ASP B 199 2.95 16.55 -8.57
N GLU B 200 3.71 15.83 -9.38
CA GLU B 200 3.76 16.04 -10.81
C GLU B 200 3.16 14.94 -11.68
N VAL B 201 2.19 14.20 -11.15
CA VAL B 201 1.56 13.11 -11.92
C VAL B 201 0.92 13.51 -13.26
N TYR B 202 0.52 14.77 -13.39
CA TYR B 202 -0.11 15.28 -14.62
C TYR B 202 0.85 16.00 -15.55
N GLU B 203 2.15 15.90 -15.28
CA GLU B 203 3.19 16.55 -16.06
C GLU B 203 3.05 16.55 -17.58
N HIS B 204 2.64 15.42 -18.16
CA HIS B 204 2.52 15.29 -19.62
C HIS B 204 1.24 15.80 -20.25
N PHE B 205 0.27 16.17 -19.43
CA PHE B 205 -1.00 16.68 -19.95
C PHE B 205 -1.04 18.16 -19.67
N ILE B 206 -0.27 18.88 -20.48
CA ILE B 206 -0.14 20.34 -20.42
C ILE B 206 -0.58 20.86 -21.77
N TYR B 207 -1.15 22.06 -21.77
CA TYR B 207 -1.67 22.65 -22.99
C TYR B 207 -1.21 24.07 -23.21
N ASP B 208 -1.62 24.63 -24.36
CA ASP B 208 -1.27 26.00 -24.74
C ASP B 208 0.24 26.21 -24.63
N ASP B 209 0.68 27.29 -23.99
CA ASP B 209 2.11 27.50 -23.86
C ASP B 209 2.66 27.02 -22.51
N ALA B 210 1.91 26.15 -21.83
CA ALA B 210 2.34 25.61 -20.54
C ALA B 210 3.48 24.62 -20.75
N ARG B 211 4.46 24.69 -19.86
CA ARG B 211 5.61 23.81 -19.92
C ARG B 211 5.80 23.32 -18.50
N HIS B 212 6.10 22.03 -18.34
CA HIS B 212 6.27 21.46 -17.02
C HIS B 212 7.69 21.50 -16.47
N TYR B 213 7.88 22.21 -15.36
CA TYR B 213 9.18 22.30 -14.69
C TYR B 213 9.07 21.62 -13.32
N SER B 214 10.17 21.03 -12.86
CA SER B 214 10.20 20.35 -11.57
C SER B 214 11.00 21.18 -10.57
N ILE B 215 10.39 21.51 -9.44
CA ILE B 215 11.08 22.32 -8.44
C ILE B 215 12.41 21.69 -7.95
N ALA B 216 12.48 20.36 -7.94
CA ALA B 216 13.69 19.65 -7.51
C ALA B 216 14.86 19.88 -8.45
N SER B 217 14.58 20.38 -9.66
CA SER B 217 15.62 20.67 -10.65
C SER B 217 16.26 22.04 -10.43
N LEU B 218 15.60 22.88 -9.64
CA LEU B 218 16.09 24.22 -9.35
C LEU B 218 17.29 24.18 -8.42
N ASP B 219 18.12 25.21 -8.47
CA ASP B 219 19.33 25.30 -7.65
C ASP B 219 19.12 24.96 -6.18
N GLY B 220 19.88 23.97 -5.72
CA GLY B 220 19.84 23.53 -4.32
C GLY B 220 18.51 23.04 -3.79
N MET B 221 17.61 22.61 -4.68
CA MET B 221 16.31 22.14 -4.25
C MET B 221 16.15 20.65 -4.00
N PHE B 222 16.95 19.83 -4.67
CA PHE B 222 16.83 18.39 -4.51
C PHE B 222 16.97 17.93 -3.06
N GLU B 223 17.80 18.65 -2.32
CA GLU B 223 18.08 18.35 -0.93
C GLU B 223 16.88 18.54 -0.01
N ARG B 224 15.88 19.28 -0.47
CA ARG B 224 14.70 19.54 0.35
C ARG B 224 13.39 19.30 -0.38
N THR B 225 13.43 18.44 -1.38
CA THR B 225 12.25 18.15 -2.17
C THR B 225 11.96 16.67 -2.31
N ILE B 226 10.68 16.34 -2.20
CA ILE B 226 10.24 14.97 -2.43
C ILE B 226 9.44 15.11 -3.72
N THR B 227 9.99 14.63 -4.81
CA THR B 227 9.29 14.69 -6.11
C THR B 227 8.41 13.46 -6.20
N VAL B 228 7.11 13.70 -6.33
CA VAL B 228 6.11 12.64 -6.43
C VAL B 228 5.57 12.53 -7.87
N ASN B 229 5.63 11.33 -8.43
CA ASN B 229 5.14 11.11 -9.79
C ASN B 229 4.67 9.66 -9.90
N GLY B 230 4.26 9.25 -11.08
CA GLY B 230 3.80 7.90 -11.26
C GLY B 230 3.32 7.61 -12.66
N PHE B 231 2.83 6.40 -12.86
CA PHE B 231 2.35 5.94 -14.15
C PHE B 231 0.84 5.96 -14.31
N SER B 232 0.13 6.23 -13.21
CA SER B 232 -1.33 6.23 -13.23
C SER B 232 -1.97 7.12 -14.28
N LYS B 233 -1.54 8.38 -14.37
CA LYS B 233 -2.14 9.30 -15.33
C LYS B 233 -1.42 9.29 -16.69
N THR B 234 -0.08 9.39 -16.65
CA THR B 234 0.77 9.41 -17.84
C THR B 234 0.45 8.26 -18.80
N PHE B 235 0.54 7.04 -18.32
CA PHE B 235 0.16 5.87 -19.11
C PHE B 235 -1.20 5.68 -18.44
N ALA B 236 -2.17 5.07 -19.07
CA ALA B 236 -3.45 4.98 -18.36
C ALA B 236 -3.37 3.76 -17.47
N MET B 237 -2.69 3.90 -16.33
CA MET B 237 -2.46 2.78 -15.41
C MET B 237 -2.93 2.94 -13.97
N THR B 238 -4.05 3.64 -13.73
CA THR B 238 -4.52 3.83 -12.36
C THR B 238 -4.74 2.52 -11.58
N GLY B 239 -5.28 1.51 -12.28
CA GLY B 239 -5.53 0.22 -11.65
C GLY B 239 -4.29 -0.65 -11.48
N TRP B 240 -3.13 -0.15 -11.91
CA TRP B 240 -1.87 -0.91 -11.81
C TRP B 240 -1.13 -0.61 -10.50
N ARG B 241 -1.53 0.47 -9.84
CA ARG B 241 -0.96 0.93 -8.57
C ARG B 241 0.56 1.06 -8.62
N LEU B 242 1.04 2.01 -9.41
CA LEU B 242 2.48 2.21 -9.53
C LEU B 242 2.86 3.69 -9.65
N GLY B 243 3.53 4.17 -8.61
CA GLY B 243 3.97 5.54 -8.59
C GLY B 243 5.40 5.50 -8.08
N PHE B 244 5.97 6.66 -7.87
CA PHE B 244 7.32 6.73 -7.37
C PHE B 244 7.66 8.11 -6.82
N VAL B 245 8.78 8.17 -6.12
CA VAL B 245 9.30 9.41 -5.55
C VAL B 245 10.81 9.43 -5.73
N ALA B 246 11.35 10.64 -5.78
CA ALA B 246 12.77 10.88 -5.86
C ALA B 246 12.97 11.88 -4.72
N ALA B 247 13.90 11.58 -3.81
CA ALA B 247 14.15 12.45 -2.67
C ALA B 247 15.51 12.14 -2.03
N PRO B 248 15.96 12.96 -1.06
CA PRO B 248 17.25 12.70 -0.41
C PRO B 248 17.19 11.28 0.18
N SER B 249 18.32 10.58 0.20
CA SER B 249 18.37 9.22 0.69
C SER B 249 17.86 9.07 2.13
N TRP B 250 18.04 10.11 2.95
CA TRP B 250 17.58 10.03 4.33
C TRP B 250 16.06 9.96 4.38
N ILE B 251 15.38 10.59 3.43
CA ILE B 251 13.93 10.52 3.40
C ILE B 251 13.54 9.16 2.85
N ILE B 252 14.20 8.77 1.76
CA ILE B 252 13.94 7.49 1.12
C ILE B 252 14.09 6.33 2.11
N GLU B 253 15.15 6.33 2.90
CA GLU B 253 15.40 5.28 3.89
C GLU B 253 14.22 5.13 4.86
N ARG B 254 13.73 6.26 5.36
CA ARG B 254 12.62 6.26 6.29
C ARG B 254 11.32 5.83 5.64
N MET B 255 11.19 6.10 4.34
CA MET B 255 10.00 5.69 3.60
C MET B 255 9.98 4.19 3.35
N VAL B 256 11.13 3.59 3.06
CA VAL B 256 11.16 2.14 2.84
C VAL B 256 10.91 1.39 4.14
N LYS B 257 11.39 1.97 5.24
CA LYS B 257 11.18 1.35 6.55
C LYS B 257 9.68 1.34 6.83
N PHE B 258 9.00 2.44 6.48
CA PHE B 258 7.55 2.56 6.65
C PHE B 258 6.87 1.49 5.80
N GLN B 259 7.32 1.35 4.56
CA GLN B 259 6.75 0.39 3.62
C GLN B 259 6.85 -1.05 4.13
N MET B 260 7.94 -1.35 4.83
CA MET B 260 8.16 -2.68 5.39
C MET B 260 6.99 -3.12 6.29
N TYR B 261 6.32 -2.15 6.90
CA TYR B 261 5.18 -2.41 7.79
C TYR B 261 3.89 -1.88 7.17
N ASN B 262 3.90 -1.80 5.84
CA ASN B 262 2.76 -1.31 5.08
C ASN B 262 2.49 -2.26 3.90
N ALA B 263 2.76 -1.83 2.67
CA ALA B 263 2.51 -2.66 1.49
C ALA B 263 3.67 -3.56 1.08
N THR B 264 4.80 -3.43 1.78
CA THR B 264 6.03 -4.19 1.56
C THR B 264 6.83 -3.83 0.30
N CYS B 265 6.21 -4.00 -0.87
CA CYS B 265 6.86 -3.68 -2.13
C CYS B 265 5.79 -3.63 -3.21
N PRO B 266 6.07 -2.95 -4.34
CA PRO B 266 5.08 -2.86 -5.41
C PRO B 266 4.99 -4.21 -6.17
N VAL B 267 4.01 -4.34 -7.06
CA VAL B 267 3.86 -5.58 -7.83
C VAL B 267 5.08 -5.76 -8.73
N THR B 268 5.72 -6.92 -8.59
CA THR B 268 6.93 -7.20 -9.35
C THR B 268 6.81 -7.15 -10.87
N PHE B 269 5.93 -7.96 -11.45
CA PHE B 269 5.77 -7.97 -12.91
C PHE B 269 5.25 -6.65 -13.48
N ILE B 270 4.58 -5.87 -12.64
CA ILE B 270 4.07 -4.57 -13.02
C ILE B 270 5.23 -3.57 -13.13
N GLN B 271 6.19 -3.67 -12.21
CA GLN B 271 7.35 -2.79 -12.24
C GLN B 271 8.19 -3.09 -13.47
N TYR B 272 8.26 -4.37 -13.84
CA TYR B 272 9.00 -4.79 -15.02
C TYR B 272 8.34 -4.18 -16.26
N ALA B 273 7.00 -4.21 -16.29
CA ALA B 273 6.25 -3.65 -17.40
C ALA B 273 6.45 -2.15 -17.56
N ALA B 274 6.48 -1.42 -16.44
CA ALA B 274 6.66 0.03 -16.47
C ALA B 274 8.06 0.43 -16.87
N ALA B 275 9.06 -0.36 -16.47
CA ALA B 275 10.44 -0.08 -16.82
C ALA B 275 10.60 -0.18 -18.35
N LYS B 276 9.96 -1.19 -18.93
CA LYS B 276 10.00 -1.42 -20.37
C LYS B 276 9.24 -0.29 -21.08
N ALA B 277 8.09 0.07 -20.52
CA ALA B 277 7.24 1.12 -21.07
C ALA B 277 7.96 2.47 -21.15
N LEU B 278 8.75 2.80 -20.13
CA LEU B 278 9.48 4.07 -20.12
C LEU B 278 10.45 4.19 -21.27
N LYS B 279 10.98 3.05 -21.70
CA LYS B 279 11.94 3.02 -22.80
C LYS B 279 11.30 2.70 -24.15
N ASP B 280 9.97 2.62 -24.17
CA ASP B 280 9.27 2.30 -25.41
C ASP B 280 8.66 3.55 -26.02
N GLU B 281 9.03 3.82 -27.28
CA GLU B 281 8.55 4.98 -28.01
C GLU B 281 7.03 4.96 -28.13
N ARG B 282 6.45 3.75 -28.18
CA ARG B 282 5.02 3.61 -28.30
C ARG B 282 4.31 4.18 -27.08
N SER B 283 5.00 4.17 -25.94
CA SER B 283 4.43 4.69 -24.71
C SER B 283 4.28 6.20 -24.84
N TRP B 284 5.33 6.84 -25.31
CA TRP B 284 5.32 8.30 -25.48
C TRP B 284 4.38 8.75 -26.59
N LYS B 285 4.22 7.90 -27.59
CA LYS B 285 3.31 8.18 -28.70
C LYS B 285 1.88 8.15 -28.13
N ALA B 286 1.63 7.19 -27.22
CA ALA B 286 0.32 7.07 -26.58
C ALA B 286 0.02 8.29 -25.71
N VAL B 287 1.02 8.75 -24.95
CA VAL B 287 0.86 9.93 -24.10
C VAL B 287 0.44 11.13 -24.95
N GLU B 288 1.08 11.29 -26.11
CA GLU B 288 0.78 12.38 -27.01
C GLU B 288 -0.65 12.32 -27.54
N GLU B 289 -1.11 11.12 -27.90
CA GLU B 289 -2.47 10.96 -28.41
C GLU B 289 -3.48 11.26 -27.31
N MET B 290 -3.20 10.82 -26.09
CA MET B 290 -4.08 11.08 -24.97
C MET B 290 -4.13 12.58 -24.68
N ARG B 291 -2.97 13.23 -24.67
CA ARG B 291 -2.91 14.67 -24.41
C ARG B 291 -3.68 15.43 -25.48
N LYS B 292 -3.59 14.97 -26.74
CA LYS B 292 -4.29 15.59 -27.85
C LYS B 292 -5.80 15.47 -27.68
N GLU B 293 -6.26 14.31 -27.24
CA GLU B 293 -7.70 14.10 -27.01
C GLU B 293 -8.19 14.91 -25.81
N TYR B 294 -7.37 14.95 -24.77
CA TYR B 294 -7.71 15.72 -23.58
C TYR B 294 -7.86 17.19 -23.97
N ASP B 295 -6.92 17.69 -24.77
CA ASP B 295 -6.95 19.09 -25.22
C ASP B 295 -8.21 19.40 -26.02
N ARG B 296 -8.61 18.48 -26.90
CA ARG B 296 -9.81 18.65 -27.71
C ARG B 296 -11.04 18.80 -26.82
N ARG B 297 -11.14 17.93 -25.82
CA ARG B 297 -12.24 17.97 -24.87
C ARG B 297 -12.16 19.22 -24.00
N ARG B 298 -10.94 19.59 -23.63
CA ARG B 298 -10.67 20.75 -22.79
C ARG B 298 -11.20 22.05 -23.39
N LYS B 299 -10.98 22.22 -24.69
CA LYS B 299 -11.42 23.40 -25.41
C LYS B 299 -12.95 23.43 -25.51
N LEU B 300 -13.57 22.25 -25.60
CA LEU B 300 -15.02 22.15 -25.67
C LEU B 300 -15.65 22.62 -24.35
N VAL B 301 -15.24 22.00 -23.25
CA VAL B 301 -15.79 22.34 -21.94
C VAL B 301 -15.51 23.78 -21.51
N TRP B 302 -14.32 24.30 -21.82
CA TRP B 302 -13.98 25.67 -21.46
C TRP B 302 -14.90 26.63 -22.21
N LYS B 303 -15.09 26.39 -23.50
CA LYS B 303 -15.95 27.23 -24.30
C LYS B 303 -17.41 27.14 -23.87
N ARG B 304 -17.89 25.92 -23.67
CA ARG B 304 -19.28 25.68 -23.28
C ARG B 304 -19.62 26.25 -21.91
N LEU B 305 -18.72 26.06 -20.95
CA LEU B 305 -18.94 26.55 -19.58
C LEU B 305 -19.06 28.07 -19.54
N ASN B 306 -18.11 28.75 -20.18
CA ASN B 306 -18.13 30.21 -20.23
C ASN B 306 -19.37 30.71 -20.95
N GLU B 307 -19.65 30.15 -22.12
CA GLU B 307 -20.81 30.60 -22.89
C GLU B 307 -22.17 30.34 -22.24
N MET B 308 -22.26 29.32 -21.39
CA MET B 308 -23.52 29.04 -20.70
C MET B 308 -23.71 29.95 -19.49
N GLY B 309 -22.69 30.74 -19.18
CA GLY B 309 -22.79 31.67 -18.06
C GLY B 309 -21.97 31.42 -16.81
N LEU B 310 -21.04 30.47 -16.84
CA LEU B 310 -20.21 30.17 -15.68
C LEU B 310 -18.77 30.57 -15.99
N PRO B 311 -18.32 31.74 -15.47
CA PRO B 311 -16.94 32.19 -15.73
C PRO B 311 -15.96 31.09 -15.36
N THR B 312 -15.18 30.65 -16.34
CA THR B 312 -14.24 29.56 -16.12
C THR B 312 -12.84 29.83 -16.63
N VAL B 313 -11.87 29.59 -15.74
CA VAL B 313 -10.45 29.76 -16.07
C VAL B 313 -10.04 28.65 -17.03
N LYS B 314 -9.31 29.02 -18.07
CA LYS B 314 -8.84 28.06 -19.06
C LYS B 314 -7.69 27.28 -18.43
N PRO B 315 -7.91 25.98 -18.18
CA PRO B 315 -6.88 25.13 -17.56
C PRO B 315 -5.71 24.86 -18.51
N LYS B 316 -4.50 24.83 -17.96
CA LYS B 316 -3.30 24.59 -18.77
C LYS B 316 -2.68 23.21 -18.53
N GLY B 317 -3.27 22.43 -17.64
CA GLY B 317 -2.73 21.10 -17.35
C GLY B 317 -3.75 20.17 -16.71
N ALA B 318 -3.37 18.89 -16.60
CA ALA B 318 -4.22 17.85 -16.03
C ALA B 318 -5.47 17.69 -16.92
N PHE B 319 -6.55 17.16 -16.38
CA PHE B 319 -7.76 17.02 -17.17
C PHE B 319 -9.00 17.46 -16.38
N TYR B 320 -8.82 18.58 -15.68
CA TYR B 320 -9.87 19.16 -14.85
C TYR B 320 -10.09 20.62 -15.18
N ILE B 321 -11.33 21.07 -15.01
CA ILE B 321 -11.70 22.46 -15.24
C ILE B 321 -12.53 22.87 -14.02
N PHE B 322 -12.29 24.09 -13.52
CA PHE B 322 -12.91 24.58 -12.28
C PHE B 322 -13.85 25.79 -12.41
N PRO B 323 -15.02 25.62 -13.05
CA PRO B 323 -15.95 26.75 -13.21
C PRO B 323 -16.40 27.44 -11.92
N ARG B 324 -16.58 28.75 -11.99
CA ARG B 324 -17.08 29.53 -10.88
C ARG B 324 -18.60 29.36 -10.90
N ILE B 325 -19.20 29.03 -9.77
CA ILE B 325 -20.64 28.87 -9.69
C ILE B 325 -21.29 29.79 -8.66
N ARG B 326 -20.48 30.53 -7.90
CA ARG B 326 -21.01 31.41 -6.85
C ARG B 326 -21.96 32.49 -7.30
N ASP B 327 -21.84 32.92 -8.56
CA ASP B 327 -22.71 33.96 -9.10
C ASP B 327 -24.15 33.47 -9.28
N THR B 328 -24.34 32.15 -9.31
CA THR B 328 -25.68 31.58 -9.44
C THR B 328 -26.46 31.68 -8.13
N GLY B 329 -25.75 32.03 -7.06
CA GLY B 329 -26.36 32.16 -5.74
C GLY B 329 -26.34 30.86 -4.96
N LEU B 330 -25.98 29.76 -5.63
CA LEU B 330 -25.92 28.45 -5.00
C LEU B 330 -24.56 28.14 -4.41
N THR B 331 -24.55 27.29 -3.38
CA THR B 331 -23.30 26.84 -2.76
C THR B 331 -22.76 25.76 -3.70
N SER B 332 -21.51 25.38 -3.51
CA SER B 332 -20.90 24.34 -4.35
C SER B 332 -21.68 23.04 -4.22
N LYS B 333 -22.11 22.74 -3.02
CA LYS B 333 -22.85 21.51 -2.77
C LYS B 333 -24.25 21.57 -3.38
N LYS B 334 -24.92 22.70 -3.23
CA LYS B 334 -26.27 22.86 -3.80
C LYS B 334 -26.24 22.85 -5.31
N PHE B 335 -25.15 23.36 -5.89
CA PHE B 335 -25.01 23.38 -7.34
C PHE B 335 -24.82 21.95 -7.83
N SER B 336 -24.02 21.16 -7.11
CA SER B 336 -23.79 19.77 -7.47
C SER B 336 -25.06 18.96 -7.27
N GLU B 337 -25.84 19.31 -6.25
CA GLU B 337 -27.10 18.64 -5.97
C GLU B 337 -28.06 18.89 -7.13
N LEU B 338 -28.16 20.14 -7.54
CA LEU B 338 -29.05 20.56 -8.64
C LEU B 338 -28.71 19.89 -9.98
N MET B 339 -27.43 19.92 -10.34
CA MET B 339 -26.97 19.32 -11.60
C MET B 339 -27.23 17.83 -11.62
N LEU B 340 -27.03 17.16 -10.50
CA LEU B 340 -27.27 15.72 -10.43
C LEU B 340 -28.77 15.43 -10.53
N LYS B 341 -29.57 16.17 -9.78
CA LYS B 341 -31.01 15.99 -9.76
C LYS B 341 -31.74 16.33 -11.06
N GLU B 342 -31.45 17.49 -11.62
CA GLU B 342 -32.13 17.95 -12.82
C GLU B 342 -31.40 17.83 -14.16
N ALA B 343 -30.08 17.93 -14.15
CA ALA B 343 -29.32 17.81 -15.40
C ALA B 343 -28.84 16.37 -15.60
N ARG B 344 -28.83 15.59 -14.52
CA ARG B 344 -28.35 14.20 -14.52
C ARG B 344 -26.86 14.23 -14.88
N VAL B 345 -26.17 15.22 -14.32
CA VAL B 345 -24.75 15.42 -14.54
C VAL B 345 -24.10 15.53 -13.17
N ALA B 346 -23.04 14.76 -12.98
CA ALA B 346 -22.32 14.78 -11.71
C ALA B 346 -21.07 15.63 -11.76
N VAL B 347 -21.01 16.65 -10.91
CA VAL B 347 -19.85 17.51 -10.81
C VAL B 347 -19.51 17.51 -9.33
N VAL B 348 -18.23 17.60 -8.98
CA VAL B 348 -17.91 17.58 -7.56
C VAL B 348 -17.76 18.98 -7.00
N PRO B 349 -18.43 19.26 -5.87
CA PRO B 349 -18.36 20.58 -5.23
C PRO B 349 -16.93 21.02 -4.94
N GLY B 350 -16.62 22.26 -5.29
CA GLY B 350 -15.29 22.79 -5.09
C GLY B 350 -14.83 22.75 -3.64
N SER B 351 -15.80 22.79 -2.74
CA SER B 351 -15.57 22.74 -1.29
C SER B 351 -14.86 21.44 -0.87
N ALA B 352 -14.97 20.39 -1.68
CA ALA B 352 -14.32 19.12 -1.39
C ALA B 352 -12.81 19.21 -1.53
N PHE B 353 -12.33 20.32 -2.09
CA PHE B 353 -10.90 20.54 -2.30
C PHE B 353 -10.36 21.64 -1.39
N GLY B 354 -11.20 22.12 -0.48
CA GLY B 354 -10.74 23.16 0.42
C GLY B 354 -11.71 24.31 0.43
N LYS B 355 -11.55 25.19 1.43
CA LYS B 355 -12.41 26.36 1.57
C LYS B 355 -12.34 27.27 0.35
N ALA B 356 -11.14 27.40 -0.22
CA ALA B 356 -10.95 28.25 -1.39
C ALA B 356 -11.69 27.68 -2.62
N GLY B 357 -12.08 26.41 -2.52
CA GLY B 357 -12.81 25.77 -3.58
C GLY B 357 -14.29 26.11 -3.54
N GLU B 358 -14.77 26.56 -2.39
CA GLU B 358 -16.18 26.93 -2.28
C GLU B 358 -16.48 28.07 -3.24
N GLY B 359 -17.57 27.93 -3.99
CA GLY B 359 -17.94 28.92 -5.00
C GLY B 359 -17.56 28.42 -6.39
N TYR B 360 -17.01 27.21 -6.46
CA TYR B 360 -16.60 26.58 -7.71
C TYR B 360 -17.03 25.12 -7.70
N VAL B 361 -16.82 24.46 -8.82
CA VAL B 361 -17.17 23.06 -8.97
C VAL B 361 -16.10 22.42 -9.89
N ARG B 362 -15.72 21.18 -9.61
CA ARG B 362 -14.74 20.52 -10.46
C ARG B 362 -15.39 19.60 -11.48
N ILE B 363 -14.96 19.78 -12.72
CA ILE B 363 -15.43 18.95 -13.82
C ILE B 363 -14.21 18.29 -14.43
N SER B 364 -14.31 16.99 -14.64
CA SER B 364 -13.22 16.25 -15.23
C SER B 364 -13.59 15.94 -16.67
N TYR B 365 -12.66 16.20 -17.59
CA TYR B 365 -12.94 15.91 -18.98
C TYR B 365 -12.29 14.61 -19.45
N ALA B 366 -12.02 13.73 -18.49
CA ALA B 366 -11.46 12.41 -18.78
C ALA B 366 -12.67 11.50 -18.97
N THR B 367 -13.44 11.81 -20.01
CA THR B 367 -14.63 11.07 -20.39
C THR B 367 -14.90 11.42 -21.87
N ALA B 368 -15.59 10.54 -22.58
CA ALA B 368 -15.87 10.75 -24.01
C ALA B 368 -16.38 12.14 -24.38
N TYR B 369 -15.84 12.65 -25.48
CA TYR B 369 -16.19 13.97 -26.01
C TYR B 369 -17.70 14.14 -26.14
N GLU B 370 -18.35 13.12 -26.71
CA GLU B 370 -19.80 13.12 -26.91
C GLU B 370 -20.55 13.27 -25.59
N LYS B 371 -20.07 12.55 -24.56
CA LYS B 371 -20.69 12.62 -23.24
C LYS B 371 -20.51 14.02 -22.66
N LEU B 372 -19.37 14.65 -22.96
CA LEU B 372 -19.09 16.00 -22.49
C LEU B 372 -20.02 17.00 -23.18
N GLU B 373 -20.26 16.80 -24.47
CA GLU B 373 -21.13 17.70 -25.21
C GLU B 373 -22.54 17.66 -24.62
N GLU B 374 -23.03 16.45 -24.39
CA GLU B 374 -24.35 16.24 -23.82
C GLU B 374 -24.46 16.80 -22.40
N ALA B 375 -23.43 16.56 -21.59
CA ALA B 375 -23.44 17.05 -20.21
C ALA B 375 -23.52 18.57 -20.20
N MET B 376 -22.76 19.21 -21.09
CA MET B 376 -22.76 20.67 -21.20
C MET B 376 -24.15 21.16 -21.56
N ASP B 377 -24.79 20.44 -22.47
CA ASP B 377 -26.13 20.81 -22.92
C ASP B 377 -27.15 20.69 -21.79
N ARG B 378 -27.04 19.62 -21.00
CA ARG B 378 -27.96 19.39 -19.89
C ARG B 378 -27.76 20.48 -18.83
N MET B 379 -26.50 20.74 -18.50
CA MET B 379 -26.17 21.76 -17.52
C MET B 379 -26.69 23.13 -17.93
N GLU B 380 -26.43 23.53 -19.18
CA GLU B 380 -26.90 24.81 -19.69
C GLU B 380 -28.42 24.90 -19.65
N ARG B 381 -29.10 23.80 -19.96
CA ARG B 381 -30.56 23.81 -19.95
C ARG B 381 -31.11 24.17 -18.57
N VAL B 382 -30.62 23.51 -17.52
CA VAL B 382 -31.10 23.80 -16.17
C VAL B 382 -30.64 25.15 -15.65
N LEU B 383 -29.44 25.60 -16.02
CA LEU B 383 -28.95 26.91 -15.59
C LEU B 383 -29.92 27.96 -16.11
N LYS B 384 -30.37 27.77 -17.35
CA LYS B 384 -31.31 28.69 -17.97
C LYS B 384 -32.71 28.51 -17.39
N GLU B 385 -33.16 27.27 -17.25
CA GLU B 385 -34.49 26.98 -16.71
C GLU B 385 -34.65 27.55 -15.32
N ARG B 386 -33.61 27.41 -14.52
CA ARG B 386 -33.63 27.89 -13.14
C ARG B 386 -33.28 29.37 -13.02
N LYS B 387 -33.05 30.03 -14.15
CA LYS B 387 -32.73 31.47 -14.17
C LYS B 387 -31.46 31.77 -13.36
N LEU B 388 -30.53 30.82 -13.34
CA LEU B 388 -29.28 30.95 -12.61
C LEU B 388 -28.27 31.78 -13.39
N VAL B 389 -28.64 32.02 -14.66
CA VAL B 389 -27.88 32.83 -15.60
C VAL B 389 -28.96 33.47 -16.48
N1 PLP C . 2.10 -12.92 7.95
C2 PLP C . 3.12 -13.81 7.93
C2A PLP C . 3.50 -14.52 9.24
C3 PLP C . 3.78 -14.07 6.76
O3 PLP C . 4.79 -14.95 6.74
C4 PLP C . 3.38 -13.38 5.59
C4A PLP C . 4.12 -13.71 4.30
C5 PLP C . 2.30 -12.45 5.67
C6 PLP C . 1.71 -12.25 6.85
C5A PLP C . 1.71 -11.59 4.53
O4P PLP C . 2.34 -11.43 3.29
P PLP C . 1.76 -10.50 2.12
O1P PLP C . 0.44 -11.02 1.74
O2P PLP C . 2.87 -10.79 1.06
O3P PLP C . 1.86 -9.10 2.56
N1 PLP D . -2.01 13.31 -7.09
C2 PLP D . -3.05 13.80 -7.81
C2A PLP D . -3.33 15.31 -7.73
C3 PLP D . -3.81 12.95 -8.57
O3 PLP D . -4.87 13.44 -9.29
C4 PLP D . -3.49 11.59 -8.60
C4A PLP D . -4.35 10.67 -9.48
C5 PLP D . -2.38 11.12 -7.82
C6 PLP D . -1.68 12.02 -7.08
C5A PLP D . -1.85 9.69 -7.68
O4P PLP D . -2.54 8.59 -8.16
P PLP D . -2.01 7.11 -7.96
O1P PLP D . -0.70 7.01 -8.64
O2P PLP D . -3.19 6.38 -8.71
O3P PLP D . -2.06 6.75 -6.53
#